data_4E85
#
_entry.id   4E85
#
_cell.length_a   114.870
_cell.length_b   241.730
_cell.length_c   49.020
_cell.angle_alpha   90.00
_cell.angle_beta   90.00
_cell.angle_gamma   90.00
#
_symmetry.space_group_name_H-M   'P 21 21 21'
#
_entity_poly.entity_id   1
_entity_poly.type   'polypeptide(L)'
_entity_poly.pdbx_seq_one_letter_code
;MGSSHHHHHHSSGLVPRGSHMASMTGGQQMGRGMSTSLRPTSRVRDESDVIGKLNDMIEEQPTDIFLYVKLLKHHVSLKQ
WKQVYETFDKLHDRFPLMANIWCMRLSLEFDKMEELDAAVIEPVLARCLSKELGNNDLSLWLSYITYVRKKNDIITGGEE
ARNIVIQAFQVVVDKCAIFEPKSIQFWNEYLHFLEHWKPVNKFEEQQRVQYIRKLYKTLLCQPMDCLESMWQRYTQWEQD
VNQLTARRHIGELSAQYMNARSLYQDWLNITKGLKRNLPITLNQATESNLPKPNEYDVQQLLIWLEWIRWESDNKLELSD
DLHKARMTYVYMQAAQHVCFAPEIWFNMANYQGEKNTDSTVITKYLKLGQQCIPNSAVLAFSLSEQYELNTKIPEIETTI
LSCIDRIHLDLAALMEDDPTNESAINQLKSKLTYVYCVYMNTMKRIQGLAASRKIFGKCRRLKKLVTPDIYLENAYIEYH
ISKDTKTACKVLELGLKYFATDGEYINKYLDFLIYVNEESQVKSLFESSIDKISDSHLLKMIFQKVIFFESKVGSLNSVR
TLEKRFFEKFPEVNKLEEFTNKYKVLDVNYLQRLELDYMVRDVMPEAIALDRGSNNLKRTMREEEDGQAFKKFKANEDPI
PPEIVELLKVLPKRQYFKVTIFEAHAFSEFLSDKVTIQ
;
_entity_poly.pdbx_strand_id   A,B
#
# COMPACT_ATOMS: atom_id res chain seq x y z
N ARG A 39 -25.82 -20.27 24.31
CA ARG A 39 -25.81 -21.04 25.59
C ARG A 39 -27.13 -20.89 26.34
N PRO A 40 -27.47 -19.70 26.93
CA PRO A 40 -28.81 -19.76 27.57
C PRO A 40 -29.79 -19.72 26.36
N THR A 41 -31.08 -19.41 26.53
CA THR A 41 -32.01 -19.42 25.36
C THR A 41 -32.12 -20.80 24.70
N SER A 42 -30.99 -21.28 24.16
CA SER A 42 -30.94 -22.60 23.53
C SER A 42 -30.98 -23.58 24.70
N ARG A 43 -31.72 -24.67 24.53
CA ARG A 43 -31.88 -25.71 25.56
C ARG A 43 -32.49 -25.17 26.90
N VAL A 44 -32.04 -24.02 27.42
CA VAL A 44 -32.69 -23.50 28.62
C VAL A 44 -33.99 -23.03 27.94
N ARG A 45 -34.93 -23.98 27.76
CA ARG A 45 -36.21 -23.70 27.12
C ARG A 45 -37.30 -23.61 28.17
N ASP A 46 -37.78 -22.41 28.44
CA ASP A 46 -38.82 -22.27 29.45
C ASP A 46 -40.18 -22.64 28.78
N GLU A 47 -41.32 -22.25 29.36
CA GLU A 47 -42.62 -22.58 28.76
C GLU A 47 -42.98 -21.57 27.68
N SER A 48 -43.61 -20.50 28.13
CA SER A 48 -44.05 -19.38 27.31
C SER A 48 -44.56 -18.33 28.28
N ASP A 49 -43.68 -17.98 29.22
CA ASP A 49 -43.90 -16.95 30.24
C ASP A 49 -42.82 -15.90 29.94
N VAL A 50 -43.25 -14.75 29.42
CA VAL A 50 -42.32 -13.69 29.04
C VAL A 50 -41.17 -13.56 30.05
N ILE A 51 -41.48 -13.28 31.32
CA ILE A 51 -40.48 -13.08 32.37
C ILE A 51 -39.29 -14.05 32.36
N GLY A 52 -39.46 -15.21 31.74
CA GLY A 52 -38.40 -16.22 31.67
C GLY A 52 -37.47 -16.16 30.46
N LYS A 53 -38.04 -15.90 29.28
CA LYS A 53 -37.27 -15.78 28.02
C LYS A 53 -36.51 -14.45 28.07
N LEU A 54 -37.16 -13.42 28.57
CA LEU A 54 -36.56 -12.10 28.70
C LEU A 54 -35.36 -12.20 29.63
N ASN A 55 -35.55 -12.82 30.78
CA ASN A 55 -34.46 -12.94 31.75
C ASN A 55 -33.37 -13.82 31.22
N ASP A 56 -33.69 -14.52 30.15
CA ASP A 56 -32.76 -15.42 29.48
C ASP A 56 -32.01 -14.66 28.39
N MET A 57 -32.75 -13.91 27.58
CA MET A 57 -32.19 -13.10 26.50
C MET A 57 -31.30 -11.98 27.06
N ILE A 58 -31.73 -11.39 28.17
CA ILE A 58 -30.97 -10.35 28.86
C ILE A 58 -29.64 -10.95 29.35
N GLU A 59 -29.67 -12.20 29.83
CA GLU A 59 -28.46 -12.83 30.30
C GLU A 59 -27.50 -13.06 29.18
N GLU A 60 -28.00 -13.15 27.94
CA GLU A 60 -27.20 -13.38 26.73
C GLU A 60 -26.69 -12.10 26.13
N GLN A 61 -27.42 -11.02 26.37
CA GLN A 61 -27.05 -9.69 25.87
C GLN A 61 -27.26 -8.65 26.99
N PRO A 62 -26.55 -8.80 28.13
CA PRO A 62 -26.67 -7.89 29.26
C PRO A 62 -26.54 -6.40 29.00
N THR A 63 -26.17 -6.00 27.81
CA THR A 63 -26.05 -4.59 27.49
C THR A 63 -27.16 -4.10 26.58
N ASP A 64 -28.05 -4.98 26.15
CA ASP A 64 -29.15 -4.54 25.30
C ASP A 64 -30.11 -3.84 26.25
N ILE A 65 -29.99 -2.52 26.38
CA ILE A 65 -30.85 -1.84 27.33
C ILE A 65 -32.36 -2.11 27.10
N PHE A 66 -32.80 -2.18 25.84
CA PHE A 66 -34.21 -2.40 25.58
C PHE A 66 -34.81 -3.61 26.25
N LEU A 67 -34.12 -4.76 26.22
CA LEU A 67 -34.61 -6.01 26.85
C LEU A 67 -35.02 -5.86 28.31
N TYR A 68 -34.32 -5.01 29.07
CA TYR A 68 -34.61 -4.74 30.48
C TYR A 68 -35.87 -3.89 30.51
N VAL A 69 -35.98 -2.94 29.59
CA VAL A 69 -37.13 -2.06 29.50
C VAL A 69 -38.38 -2.89 29.28
N LYS A 70 -38.28 -3.96 28.49
CA LYS A 70 -39.44 -4.81 28.28
C LYS A 70 -39.76 -5.56 29.56
N LEU A 71 -38.74 -6.10 30.23
CA LEU A 71 -38.97 -6.82 31.47
C LEU A 71 -39.60 -5.93 32.53
N LEU A 72 -39.23 -4.66 32.52
CA LEU A 72 -39.78 -3.71 33.48
C LEU A 72 -41.24 -3.49 33.13
N LYS A 73 -41.48 -3.07 31.88
CA LYS A 73 -42.84 -2.80 31.41
C LYS A 73 -43.77 -3.89 31.92
N HIS A 74 -43.29 -5.12 31.80
CA HIS A 74 -44.03 -6.27 32.23
C HIS A 74 -44.24 -6.22 33.75
N HIS A 75 -43.18 -6.17 34.55
CA HIS A 75 -43.41 -6.18 36.00
C HIS A 75 -44.19 -5.01 36.49
N VAL A 76 -44.22 -3.93 35.73
CA VAL A 76 -44.98 -2.79 36.22
C VAL A 76 -46.45 -3.10 35.93
N SER A 77 -46.72 -3.69 34.77
CA SER A 77 -48.11 -3.98 34.47
C SER A 77 -48.73 -5.02 35.42
N LEU A 78 -47.90 -5.81 36.09
CA LEU A 78 -48.40 -6.81 37.05
C LEU A 78 -48.14 -6.27 38.43
N LYS A 79 -47.88 -4.98 38.50
CA LYS A 79 -47.60 -4.32 39.77
C LYS A 79 -46.74 -5.11 40.76
N GLN A 80 -45.80 -5.90 40.22
CA GLN A 80 -44.84 -6.67 41.02
C GLN A 80 -43.67 -5.73 41.26
N TRP A 81 -43.94 -4.65 42.00
CA TRP A 81 -42.99 -3.58 42.31
C TRP A 81 -41.65 -3.95 42.86
N LYS A 82 -41.58 -5.08 43.55
CA LYS A 82 -40.32 -5.51 44.12
C LYS A 82 -39.34 -5.89 43.03
N GLN A 83 -39.82 -6.60 42.00
CA GLN A 83 -38.97 -7.00 40.88
C GLN A 83 -38.63 -5.81 39.96
N VAL A 84 -39.45 -4.78 39.99
CA VAL A 84 -39.18 -3.65 39.14
C VAL A 84 -37.87 -3.04 39.63
N TYR A 85 -37.68 -2.96 40.93
CA TYR A 85 -36.46 -2.35 41.44
C TYR A 85 -35.25 -3.29 41.30
N GLU A 86 -35.48 -4.60 41.33
CA GLU A 86 -34.36 -5.49 41.19
C GLU A 86 -33.87 -5.25 39.80
N THR A 87 -34.80 -5.22 38.86
CA THR A 87 -34.47 -5.01 37.47
C THR A 87 -33.85 -3.64 37.22
N PHE A 88 -34.41 -2.57 37.75
CA PHE A 88 -33.76 -1.26 37.56
C PHE A 88 -32.35 -1.27 38.13
N ASP A 89 -32.15 -1.91 39.28
CA ASP A 89 -30.84 -1.92 39.87
C ASP A 89 -29.77 -2.68 39.10
N LYS A 90 -30.11 -3.78 38.44
CA LYS A 90 -29.12 -4.51 37.65
C LYS A 90 -28.68 -3.53 36.59
N LEU A 91 -29.64 -2.79 36.05
CA LEU A 91 -29.36 -1.79 35.04
C LEU A 91 -28.52 -0.64 35.59
N HIS A 92 -28.77 -0.21 36.82
CA HIS A 92 -27.96 0.87 37.38
C HIS A 92 -26.58 0.33 37.67
N ASP A 93 -26.51 -0.92 38.09
CA ASP A 93 -25.24 -1.50 38.44
C ASP A 93 -24.29 -1.40 37.27
N ARG A 94 -24.76 -1.87 36.12
CA ARG A 94 -24.01 -1.89 34.87
C ARG A 94 -23.83 -0.52 34.19
N PHE A 95 -24.88 0.29 34.12
CA PHE A 95 -24.82 1.61 33.51
C PHE A 95 -25.05 2.72 34.55
N PRO A 96 -24.04 3.03 35.38
CA PRO A 96 -24.16 4.07 36.40
C PRO A 96 -24.47 5.44 35.88
N LEU A 97 -23.83 5.82 34.79
CA LEU A 97 -24.04 7.16 34.23
C LEU A 97 -25.07 7.34 33.12
N MET A 98 -25.91 6.33 32.90
CA MET A 98 -26.97 6.42 31.90
C MET A 98 -28.03 7.25 32.61
N ALA A 99 -27.81 8.56 32.65
CA ALA A 99 -28.74 9.45 33.34
C ALA A 99 -30.21 9.13 33.04
N ASN A 100 -30.55 9.05 31.76
CA ASN A 100 -31.92 8.78 31.35
C ASN A 100 -32.59 7.54 31.98
N ILE A 101 -31.80 6.58 32.45
CA ILE A 101 -32.38 5.39 33.05
C ILE A 101 -32.78 5.72 34.48
N TRP A 102 -32.06 6.65 35.07
CA TRP A 102 -32.47 7.05 36.39
C TRP A 102 -33.78 7.83 36.13
N CYS A 103 -33.81 8.69 35.10
CA CYS A 103 -34.99 9.44 34.78
C CYS A 103 -36.20 8.57 34.66
N MET A 104 -36.15 7.53 33.81
CA MET A 104 -37.27 6.57 33.64
C MET A 104 -37.78 6.10 35.01
N ARG A 105 -36.85 5.87 35.93
CA ARG A 105 -37.15 5.40 37.26
C ARG A 105 -37.82 6.41 38.18
N LEU A 106 -37.24 7.60 38.32
CA LEU A 106 -37.87 8.60 39.17
C LEU A 106 -39.25 8.86 38.59
N SER A 107 -39.33 8.96 37.26
CA SER A 107 -40.61 9.15 36.60
C SER A 107 -41.61 8.11 37.13
N LEU A 108 -41.29 6.83 37.00
CA LEU A 108 -42.20 5.79 37.47
C LEU A 108 -42.84 6.05 38.83
N GLU A 109 -42.09 6.62 39.76
CA GLU A 109 -42.62 6.91 41.08
C GLU A 109 -43.57 8.09 41.03
N PHE A 110 -43.05 9.22 40.58
CA PHE A 110 -43.85 10.41 40.46
C PHE A 110 -45.28 10.15 39.94
N ASP A 111 -45.45 9.12 39.10
CA ASP A 111 -46.75 8.80 38.50
C ASP A 111 -47.73 8.09 39.40
N LYS A 112 -47.38 7.97 40.67
CA LYS A 112 -48.25 7.32 41.63
C LYS A 112 -49.05 8.39 42.36
N MET A 113 -49.19 9.55 41.73
CA MET A 113 -49.93 10.73 42.22
C MET A 113 -49.63 11.24 43.63
N GLU A 114 -50.51 10.92 44.57
CA GLU A 114 -50.36 11.37 45.96
C GLU A 114 -49.30 10.59 46.75
N GLU A 115 -48.91 9.44 46.22
CA GLU A 115 -47.91 8.60 46.85
C GLU A 115 -46.45 8.92 46.47
N LEU A 116 -46.06 10.19 46.50
CA LEU A 116 -44.68 10.53 46.17
C LEU A 116 -43.97 10.14 47.46
N ASP A 117 -43.70 8.84 47.58
CA ASP A 117 -43.07 8.26 48.77
C ASP A 117 -41.57 8.62 48.98
N ALA A 118 -41.28 9.45 49.99
CA ALA A 118 -39.90 9.86 50.23
C ALA A 118 -38.97 8.73 50.68
N ALA A 119 -39.54 7.57 50.98
CA ALA A 119 -38.74 6.42 51.43
C ALA A 119 -38.19 5.63 50.22
N VAL A 120 -38.85 5.79 49.09
CA VAL A 120 -38.43 5.14 47.88
C VAL A 120 -37.64 6.23 47.15
N ILE A 121 -38.29 7.34 46.82
CA ILE A 121 -37.64 8.41 46.08
C ILE A 121 -36.28 8.94 46.51
N GLU A 122 -36.12 9.33 47.76
CA GLU A 122 -34.84 9.90 48.18
C GLU A 122 -33.63 8.96 48.07
N PRO A 123 -33.74 7.70 48.55
CA PRO A 123 -32.56 6.85 48.40
C PRO A 123 -32.08 6.65 46.94
N VAL A 124 -33.02 6.79 45.99
CA VAL A 124 -32.69 6.70 44.57
C VAL A 124 -31.87 7.95 44.25
N LEU A 125 -32.49 9.14 44.25
CA LEU A 125 -31.76 10.41 44.00
C LEU A 125 -30.41 10.41 44.72
N ALA A 126 -30.46 10.09 46.00
CA ALA A 126 -29.26 10.04 46.79
C ALA A 126 -28.15 9.23 46.11
N ARG A 127 -28.50 8.12 45.48
CA ARG A 127 -27.52 7.27 44.83
C ARG A 127 -27.09 7.79 43.48
N CYS A 128 -28.04 8.27 42.70
CA CYS A 128 -27.71 8.73 41.37
C CYS A 128 -27.28 10.15 41.23
N LEU A 129 -27.11 10.83 42.35
CA LEU A 129 -26.68 12.23 42.34
C LEU A 129 -25.50 12.36 43.25
N SER A 130 -24.93 11.22 43.63
CA SER A 130 -23.79 11.16 44.56
C SER A 130 -22.57 11.95 44.17
N LYS A 131 -21.42 11.59 44.71
CA LYS A 131 -20.20 12.31 44.41
C LYS A 131 -19.34 11.66 43.33
N GLU A 132 -19.31 10.33 43.30
CA GLU A 132 -18.51 9.63 42.29
C GLU A 132 -19.33 9.38 41.02
N LEU A 133 -20.20 8.40 41.08
CA LEU A 133 -21.03 8.08 39.94
C LEU A 133 -22.15 9.09 39.99
N GLY A 134 -21.78 10.36 40.03
CA GLY A 134 -22.76 11.41 40.11
C GLY A 134 -23.14 11.87 38.72
N ASN A 135 -24.42 11.75 38.40
CA ASN A 135 -24.88 12.14 37.09
C ASN A 135 -25.14 13.60 36.96
N ASN A 136 -24.73 14.12 35.82
CA ASN A 136 -24.94 15.53 35.58
C ASN A 136 -25.60 15.76 34.20
N ASP A 137 -26.92 15.63 34.18
CA ASP A 137 -27.72 15.75 32.96
C ASP A 137 -28.92 16.63 33.29
N LEU A 138 -29.33 17.46 32.33
CA LEU A 138 -30.45 18.36 32.61
C LEU A 138 -31.79 17.71 32.89
N SER A 139 -32.15 16.71 32.08
CA SER A 139 -33.41 16.01 32.25
C SER A 139 -33.55 15.42 33.66
N LEU A 140 -32.47 14.82 34.14
CA LEU A 140 -32.49 14.25 35.46
C LEU A 140 -32.61 15.37 36.52
N TRP A 141 -31.97 16.52 36.30
CA TRP A 141 -32.07 17.59 37.31
C TRP A 141 -33.47 18.15 37.29
N LEU A 142 -34.04 18.26 36.09
CA LEU A 142 -35.40 18.74 36.03
C LEU A 142 -36.30 17.80 36.82
N SER A 143 -35.86 16.56 37.01
CA SER A 143 -36.64 15.61 37.79
C SER A 143 -36.37 15.92 39.25
N TYR A 144 -35.10 16.09 39.56
CA TYR A 144 -34.73 16.40 40.93
C TYR A 144 -35.47 17.62 41.44
N ILE A 145 -35.62 18.59 40.56
CA ILE A 145 -36.32 19.79 40.94
C ILE A 145 -37.78 19.46 41.20
N THR A 146 -38.47 18.89 40.21
CA THR A 146 -39.88 18.55 40.36
C THR A 146 -40.18 17.90 41.71
N TYR A 147 -39.34 16.97 42.12
CA TYR A 147 -39.52 16.36 43.42
C TYR A 147 -39.35 17.42 44.53
N VAL A 148 -38.20 18.10 44.57
CA VAL A 148 -37.98 19.13 45.58
C VAL A 148 -39.13 20.15 45.68
N ARG A 149 -39.78 20.40 44.54
CA ARG A 149 -40.88 21.34 44.48
C ARG A 149 -42.20 20.71 44.99
N LYS A 150 -42.33 19.39 44.88
CA LYS A 150 -43.54 18.73 45.37
C LYS A 150 -43.38 18.46 46.87
N LYS A 151 -42.16 18.53 47.40
CA LYS A 151 -41.93 18.29 48.85
C LYS A 151 -41.63 19.52 49.69
N ASN A 152 -41.87 20.72 49.14
CA ASN A 152 -41.66 21.98 49.83
C ASN A 152 -42.66 22.96 49.24
N ASP A 153 -43.88 22.97 49.75
CA ASP A 153 -44.87 23.86 49.17
C ASP A 153 -44.60 25.32 49.43
N ILE A 154 -44.60 26.09 48.35
CA ILE A 154 -44.39 27.52 48.45
C ILE A 154 -45.38 28.13 49.45
N ILE A 155 -46.59 27.55 49.55
CA ILE A 155 -47.66 28.02 50.44
C ILE A 155 -47.45 27.78 51.94
N THR A 156 -47.70 26.55 52.39
CA THR A 156 -47.56 26.18 53.79
C THR A 156 -46.12 26.11 54.36
N GLY A 157 -45.12 26.29 53.49
CA GLY A 157 -43.75 26.26 53.96
C GLY A 157 -43.27 27.66 54.27
N GLY A 158 -43.60 28.60 53.38
CA GLY A 158 -43.23 30.00 53.57
C GLY A 158 -41.78 30.39 53.41
N GLU A 159 -41.09 30.53 54.53
CA GLU A 159 -39.69 30.91 54.54
C GLU A 159 -38.80 29.94 53.78
N GLU A 160 -38.26 28.97 54.50
CA GLU A 160 -37.38 27.98 53.93
C GLU A 160 -38.06 27.23 52.79
N ALA A 161 -39.36 27.36 52.66
CA ALA A 161 -40.07 26.69 51.58
C ALA A 161 -39.50 27.17 50.26
N ARG A 162 -40.02 28.31 49.83
CA ARG A 162 -39.62 28.98 48.59
C ARG A 162 -38.15 29.31 48.64
N ASN A 163 -37.56 29.14 49.81
CA ASN A 163 -36.14 29.42 50.01
C ASN A 163 -35.25 28.19 49.78
N ILE A 164 -35.86 27.01 49.68
CA ILE A 164 -35.13 25.76 49.44
C ILE A 164 -35.27 25.43 47.96
N VAL A 165 -36.45 25.70 47.40
CA VAL A 165 -36.64 25.46 45.98
C VAL A 165 -35.63 26.30 45.21
N ILE A 166 -35.40 27.56 45.65
CA ILE A 166 -34.41 28.44 45.02
C ILE A 166 -33.04 27.78 45.09
N GLN A 167 -32.64 27.35 46.28
CA GLN A 167 -31.36 26.68 46.39
C GLN A 167 -31.26 25.53 45.40
N ALA A 168 -32.29 24.70 45.30
CA ALA A 168 -32.29 23.56 44.37
C ALA A 168 -32.10 23.97 42.91
N PHE A 169 -32.75 25.06 42.52
CA PHE A 169 -32.64 25.61 41.16
C PHE A 169 -31.23 26.14 40.98
N GLN A 170 -30.62 26.63 42.04
CA GLN A 170 -29.27 27.14 41.90
C GLN A 170 -28.26 26.03 41.66
N VAL A 171 -28.25 24.97 42.45
CA VAL A 171 -27.27 23.93 42.19
C VAL A 171 -27.37 23.41 40.76
N VAL A 172 -28.58 23.23 40.24
CA VAL A 172 -28.69 22.77 38.86
C VAL A 172 -28.05 23.82 37.97
N VAL A 173 -28.09 25.08 38.38
CA VAL A 173 -27.49 26.10 37.53
C VAL A 173 -25.98 26.03 37.53
N ASP A 174 -25.39 25.78 38.69
CA ASP A 174 -23.94 25.73 38.77
C ASP A 174 -23.29 24.44 38.26
N LYS A 175 -23.94 23.30 38.54
CA LYS A 175 -23.41 22.01 38.13
C LYS A 175 -23.59 21.74 36.64
N CYS A 176 -24.71 22.17 36.05
CA CYS A 176 -24.99 21.88 34.65
C CYS A 176 -25.68 22.90 33.73
N ALA A 177 -26.66 23.65 34.22
CA ALA A 177 -27.33 24.56 33.30
C ALA A 177 -26.38 25.48 32.55
N ILE A 178 -25.34 25.96 33.20
CA ILE A 178 -24.45 26.87 32.52
C ILE A 178 -23.45 26.21 31.58
N PHE A 179 -23.49 24.89 31.49
CA PHE A 179 -22.57 24.19 30.60
C PHE A 179 -23.33 23.62 29.40
N GLU A 180 -24.65 23.57 29.50
CA GLU A 180 -25.44 23.00 28.41
C GLU A 180 -26.07 24.02 27.47
N PRO A 181 -25.61 24.09 26.22
CA PRO A 181 -26.29 25.09 25.39
C PRO A 181 -27.79 24.90 25.15
N LYS A 182 -28.29 23.68 24.95
CA LYS A 182 -29.72 23.49 24.70
C LYS A 182 -30.59 23.44 25.95
N SER A 183 -30.14 24.19 26.97
CA SER A 183 -30.76 24.32 28.31
C SER A 183 -31.86 25.37 28.52
N ILE A 184 -32.18 26.15 27.49
CA ILE A 184 -33.18 27.20 27.60
C ILE A 184 -34.39 26.84 28.43
N GLN A 185 -35.00 25.72 28.08
CA GLN A 185 -36.19 25.24 28.76
C GLN A 185 -36.09 25.37 30.28
N PHE A 186 -34.91 25.11 30.84
CA PHE A 186 -34.70 25.18 32.28
C PHE A 186 -34.63 26.62 32.76
N TRP A 187 -33.80 27.41 32.10
CA TRP A 187 -33.68 28.81 32.48
C TRP A 187 -35.07 29.42 32.64
N ASN A 188 -35.99 29.12 31.71
CA ASN A 188 -37.37 29.63 31.78
C ASN A 188 -38.04 29.17 33.08
N GLU A 189 -37.93 27.87 33.35
CA GLU A 189 -38.50 27.25 34.55
C GLU A 189 -38.07 28.04 35.75
N TYR A 190 -36.77 28.14 35.96
CA TYR A 190 -36.25 28.86 37.10
C TYR A 190 -36.77 30.30 37.14
N LEU A 191 -36.78 30.94 35.97
CA LEU A 191 -37.25 32.32 35.86
C LEU A 191 -38.68 32.47 36.33
N HIS A 192 -39.61 31.80 35.64
CA HIS A 192 -41.02 31.88 35.99
C HIS A 192 -41.24 31.74 37.50
N PHE A 193 -40.45 30.90 38.16
CA PHE A 193 -40.61 30.70 39.60
C PHE A 193 -40.17 31.89 40.42
N LEU A 194 -39.33 32.74 39.84
CA LEU A 194 -38.85 33.94 40.54
C LEU A 194 -39.76 35.11 40.30
N GLU A 195 -40.18 35.26 39.05
CA GLU A 195 -41.09 36.35 38.69
C GLU A 195 -42.44 36.12 39.38
N HIS A 196 -43.11 35.02 39.04
CA HIS A 196 -44.42 34.69 39.61
C HIS A 196 -44.43 34.63 41.12
N TRP A 197 -43.47 35.29 41.75
CA TRP A 197 -43.37 35.31 43.21
C TRP A 197 -43.59 36.68 43.81
N LYS A 198 -44.67 36.85 44.56
CA LYS A 198 -44.93 38.14 45.16
C LYS A 198 -44.31 38.26 46.55
N PRO A 199 -43.41 39.23 46.73
CA PRO A 199 -42.72 39.48 47.99
C PRO A 199 -43.69 40.04 49.02
N VAL A 200 -43.75 39.38 50.17
CA VAL A 200 -44.62 39.74 51.28
C VAL A 200 -44.31 41.11 51.88
N ASN A 201 -43.04 41.52 51.87
CA ASN A 201 -42.65 42.81 52.43
C ASN A 201 -41.62 43.60 51.60
N LYS A 202 -40.46 43.90 52.20
CA LYS A 202 -39.42 44.65 51.49
C LYS A 202 -38.00 44.05 51.58
N PHE A 203 -37.76 43.16 52.53
CA PHE A 203 -36.45 42.50 52.66
C PHE A 203 -36.53 41.38 51.65
N GLU A 204 -37.72 41.23 51.09
CA GLU A 204 -37.98 40.23 50.09
C GLU A 204 -38.06 40.94 48.74
N GLU A 205 -38.92 41.94 48.66
CA GLU A 205 -39.12 42.75 47.45
C GLU A 205 -37.76 42.95 46.81
N GLN A 206 -36.76 43.05 47.67
CA GLN A 206 -35.38 43.27 47.28
C GLN A 206 -34.68 41.99 46.83
N GLN A 207 -34.58 40.99 47.69
CA GLN A 207 -33.92 39.75 47.30
C GLN A 207 -34.50 39.15 46.03
N ARG A 208 -35.78 39.41 45.75
CA ARG A 208 -36.41 38.89 44.54
C ARG A 208 -35.76 39.49 43.30
N VAL A 209 -35.35 40.75 43.35
CA VAL A 209 -34.70 41.34 42.19
C VAL A 209 -33.22 41.03 42.24
N GLN A 210 -32.69 40.85 43.44
CA GLN A 210 -31.28 40.53 43.60
C GLN A 210 -31.02 39.22 42.91
N TYR A 211 -32.00 38.32 42.98
CA TYR A 211 -31.93 37.01 42.34
C TYR A 211 -32.34 37.12 40.87
N ILE A 212 -33.49 37.70 40.57
CA ILE A 212 -33.87 37.82 39.18
C ILE A 212 -32.75 38.47 38.35
N ARG A 213 -31.83 39.18 39.01
CA ARG A 213 -30.70 39.79 38.29
C ARG A 213 -29.61 38.72 38.11
N LYS A 214 -29.09 38.23 39.24
CA LYS A 214 -28.06 37.21 39.23
C LYS A 214 -28.41 36.08 38.33
N LEU A 215 -29.68 35.96 37.97
CA LEU A 215 -30.08 34.89 37.08
C LEU A 215 -29.72 35.34 35.69
N TYR A 216 -30.44 36.34 35.21
CA TYR A 216 -30.25 36.94 33.88
C TYR A 216 -28.79 37.18 33.49
N LYS A 217 -28.02 37.74 34.41
CA LYS A 217 -26.63 37.99 34.14
C LYS A 217 -25.94 36.65 33.88
N THR A 218 -26.11 35.70 34.78
CA THR A 218 -25.50 34.38 34.60
C THR A 218 -25.81 33.74 33.27
N LEU A 219 -27.07 33.69 32.92
CA LEU A 219 -27.45 33.03 31.68
C LEU A 219 -26.89 33.69 30.45
N LEU A 220 -27.04 35.00 30.36
CA LEU A 220 -26.56 35.78 29.23
C LEU A 220 -25.08 35.73 28.87
N CYS A 221 -24.25 35.13 29.72
CA CYS A 221 -22.83 35.01 29.43
C CYS A 221 -22.39 33.63 28.89
N GLN A 222 -23.33 32.74 28.65
CA GLN A 222 -22.99 31.40 28.17
C GLN A 222 -23.63 31.17 26.81
N PRO A 223 -23.02 30.34 25.96
CA PRO A 223 -23.55 30.03 24.64
C PRO A 223 -24.89 29.30 24.81
N MET A 224 -25.97 29.90 24.34
CA MET A 224 -27.30 29.31 24.50
C MET A 224 -28.25 29.51 23.36
N ASP A 225 -29.22 28.62 23.24
CA ASP A 225 -30.16 28.65 22.13
C ASP A 225 -31.21 29.71 22.19
N CYS A 226 -31.15 30.58 23.20
CA CYS A 226 -32.13 31.63 23.25
C CYS A 226 -31.65 32.94 23.89
N LEU A 227 -30.37 33.24 23.67
CA LEU A 227 -29.77 34.47 24.21
C LEU A 227 -30.42 35.71 23.62
N GLU A 228 -30.55 35.75 22.31
CA GLU A 228 -31.17 36.86 21.59
C GLU A 228 -32.44 37.33 22.31
N SER A 229 -33.38 36.41 22.42
CA SER A 229 -34.66 36.70 23.05
C SER A 229 -34.54 36.96 24.55
N MET A 230 -33.64 36.24 25.20
CA MET A 230 -33.47 36.39 26.63
C MET A 230 -32.82 37.73 27.00
N TRP A 231 -32.19 38.39 26.02
CA TRP A 231 -31.54 39.68 26.26
C TRP A 231 -32.66 40.70 26.16
N GLN A 232 -33.37 40.64 25.04
CA GLN A 232 -34.51 41.51 24.74
C GLN A 232 -35.38 41.56 25.98
N ARG A 233 -35.40 40.47 26.73
CA ARG A 233 -36.21 40.41 27.94
C ARG A 233 -35.60 41.09 29.13
N TYR A 234 -34.31 40.89 29.33
CA TYR A 234 -33.63 41.48 30.47
C TYR A 234 -33.50 42.98 30.32
N THR A 235 -33.41 43.48 29.09
CA THR A 235 -33.30 44.92 28.85
C THR A 235 -34.52 45.53 29.49
N GLN A 236 -35.66 45.23 28.90
CA GLN A 236 -36.96 45.72 29.34
C GLN A 236 -37.11 45.55 30.83
N TRP A 237 -36.65 44.41 31.34
CA TRP A 237 -36.74 44.14 32.75
C TRP A 237 -36.05 45.20 33.60
N GLU A 238 -34.80 45.52 33.27
CA GLU A 238 -34.05 46.50 34.03
C GLU A 238 -34.65 47.93 34.07
N GLN A 239 -35.34 48.34 33.01
CA GLN A 239 -35.97 49.66 32.96
C GLN A 239 -37.08 49.76 33.97
N ASP A 240 -38.04 48.86 33.81
CA ASP A 240 -39.23 48.76 34.64
C ASP A 240 -38.94 48.29 36.06
N VAL A 241 -37.75 48.61 36.58
CA VAL A 241 -37.31 48.22 37.93
C VAL A 241 -36.45 49.32 38.54
N ASN A 242 -36.05 50.28 37.70
CA ASN A 242 -35.17 51.36 38.13
C ASN A 242 -34.70 52.12 36.88
N HIS A 249 -25.54 49.89 33.46
CA HIS A 249 -25.24 48.49 33.71
C HIS A 249 -25.11 47.66 32.42
N ILE A 250 -26.24 47.45 31.74
CA ILE A 250 -26.29 46.67 30.52
C ILE A 250 -25.08 46.81 29.57
N GLY A 251 -24.26 47.84 29.74
CA GLY A 251 -23.11 48.00 28.86
C GLY A 251 -22.04 46.93 29.10
N GLU A 252 -21.73 46.73 30.37
CA GLU A 252 -20.77 45.72 30.83
C GLU A 252 -21.13 44.41 30.10
N LEU A 253 -22.22 43.76 30.55
CA LEU A 253 -22.77 42.51 30.00
C LEU A 253 -22.74 42.49 28.52
N SER A 254 -23.38 43.49 27.92
CA SER A 254 -23.45 43.59 26.48
C SER A 254 -22.25 42.99 25.79
N ALA A 255 -21.10 43.05 26.43
CA ALA A 255 -19.89 42.48 25.84
C ALA A 255 -19.96 40.96 25.78
N GLN A 256 -20.02 40.30 26.95
CA GLN A 256 -20.05 38.83 27.02
C GLN A 256 -21.27 38.23 26.34
N TYR A 257 -22.32 39.02 26.22
CA TYR A 257 -23.55 38.59 25.59
C TYR A 257 -23.28 38.43 24.10
N MET A 258 -22.56 39.39 23.52
CA MET A 258 -22.18 39.36 22.12
C MET A 258 -21.31 38.11 21.98
N ASN A 259 -20.15 38.15 22.62
CA ASN A 259 -19.23 37.03 22.63
C ASN A 259 -19.98 35.70 22.70
N ALA A 260 -20.98 35.63 23.58
CA ALA A 260 -21.75 34.42 23.75
C ALA A 260 -22.57 34.17 22.52
N ARG A 261 -23.48 35.07 22.21
CA ARG A 261 -24.33 34.93 21.03
C ARG A 261 -23.64 34.32 19.81
N SER A 262 -22.36 34.63 19.60
CA SER A 262 -21.63 34.07 18.45
C SER A 262 -20.89 32.77 18.79
N LEU A 263 -20.40 32.63 20.03
CA LEU A 263 -19.73 31.38 20.42
C LEU A 263 -20.78 30.26 20.31
N TYR A 264 -22.05 30.67 20.30
CA TYR A 264 -23.13 29.72 20.19
C TYR A 264 -23.34 29.45 18.70
N GLN A 265 -22.75 30.28 17.87
CA GLN A 265 -22.86 30.03 16.46
C GLN A 265 -21.90 28.93 16.06
N ASP A 266 -20.67 28.99 16.59
CA ASP A 266 -19.66 27.97 16.30
C ASP A 266 -20.24 26.66 16.81
N TRP A 267 -20.79 26.71 18.03
CA TRP A 267 -21.36 25.52 18.66
C TRP A 267 -22.41 24.93 17.73
N LEU A 268 -23.42 25.72 17.44
CA LEU A 268 -24.50 25.27 16.58
C LEU A 268 -24.05 24.57 15.31
N ASN A 269 -22.88 24.95 14.81
CA ASN A 269 -22.28 24.39 13.60
C ASN A 269 -21.55 23.09 13.85
N ILE A 270 -20.73 23.05 14.91
CA ILE A 270 -20.00 21.83 15.24
C ILE A 270 -21.00 20.72 15.51
N THR A 271 -22.08 21.09 16.20
CA THR A 271 -23.20 20.22 16.55
C THR A 271 -23.86 19.86 15.23
N LYS A 272 -24.67 20.79 14.72
CA LYS A 272 -25.35 20.61 13.44
C LYS A 272 -26.30 19.40 13.46
N GLY A 273 -25.73 18.19 13.27
CA GLY A 273 -26.52 16.96 13.26
C GLY A 273 -26.49 16.12 14.52
N LEU A 274 -26.23 16.74 15.67
CA LEU A 274 -26.19 16.01 16.92
C LEU A 274 -27.56 15.39 17.27
N LYS A 275 -27.57 14.10 17.61
CA LYS A 275 -28.81 13.42 17.99
C LYS A 275 -28.78 13.15 19.47
N ARG A 276 -29.85 13.55 20.14
CA ARG A 276 -30.00 13.31 21.58
C ARG A 276 -31.45 12.97 21.78
N ASN A 277 -31.78 11.71 21.53
CA ASN A 277 -33.13 11.15 21.62
C ASN A 277 -33.39 9.96 22.55
N LEU A 278 -32.66 9.89 23.65
CA LEU A 278 -32.81 8.81 24.62
C LEU A 278 -34.12 9.04 25.35
N PRO A 279 -34.86 7.95 25.64
CA PRO A 279 -36.14 8.00 26.32
C PRO A 279 -35.97 8.32 27.78
N ILE A 280 -36.86 9.13 28.34
CA ILE A 280 -36.73 9.42 29.77
C ILE A 280 -37.95 8.97 30.58
N THR A 281 -38.75 8.10 29.95
CA THR A 281 -39.96 7.52 30.53
C THR A 281 -39.94 6.11 30.04
N LEU A 282 -40.56 5.22 30.78
CA LEU A 282 -40.56 3.84 30.35
C LEU A 282 -41.30 3.62 29.04
N ASN A 283 -42.43 4.27 28.90
CA ASN A 283 -43.25 4.08 27.71
C ASN A 283 -42.72 4.67 26.45
N GLN A 284 -41.70 5.51 26.56
CA GLN A 284 -41.16 6.12 25.37
C GLN A 284 -40.01 5.34 24.81
N ALA A 285 -39.57 4.36 25.56
CA ALA A 285 -38.50 3.50 25.12
C ALA A 285 -38.99 2.65 23.94
N THR A 286 -38.26 2.74 22.84
CA THR A 286 -38.55 1.97 21.66
C THR A 286 -37.26 1.37 21.15
N GLU A 287 -37.35 0.18 20.59
CA GLU A 287 -36.19 -0.53 20.06
C GLU A 287 -35.29 0.41 19.27
N SER A 288 -35.90 1.39 18.64
CA SER A 288 -35.24 2.37 17.76
C SER A 288 -34.49 3.53 18.42
N ASN A 289 -34.82 3.84 19.67
CA ASN A 289 -34.15 4.93 20.36
C ASN A 289 -33.31 4.49 21.61
N LEU A 290 -32.81 3.27 21.54
CA LEU A 290 -31.93 2.69 22.54
C LEU A 290 -30.93 1.90 21.70
N PRO A 291 -29.67 1.96 22.08
CA PRO A 291 -28.70 1.23 21.28
C PRO A 291 -28.68 -0.26 21.50
N LYS A 292 -28.61 -1.01 20.39
CA LYS A 292 -28.50 -2.47 20.46
C LYS A 292 -27.04 -2.73 20.81
N PRO A 293 -26.78 -3.82 21.52
CA PRO A 293 -25.42 -4.15 21.91
C PRO A 293 -24.34 -3.75 20.90
N ASN A 294 -23.28 -3.09 21.37
CA ASN A 294 -22.15 -2.64 20.54
C ASN A 294 -22.42 -1.69 19.37
N GLU A 295 -23.63 -1.15 19.31
CA GLU A 295 -24.06 -0.25 18.24
C GLU A 295 -23.76 1.22 18.48
N TYR A 296 -23.54 1.97 17.41
CA TYR A 296 -23.33 3.40 17.57
C TYR A 296 -22.97 4.07 16.28
N ASP A 297 -23.68 5.17 15.99
CA ASP A 297 -23.45 5.94 14.78
C ASP A 297 -22.04 6.54 14.83
N VAL A 298 -21.20 6.24 13.83
CA VAL A 298 -19.86 6.82 13.77
C VAL A 298 -20.02 8.33 13.60
N GLN A 299 -20.84 8.72 12.63
CA GLN A 299 -21.13 10.13 12.38
C GLN A 299 -21.34 10.81 13.74
N GLN A 300 -22.26 10.30 14.55
CA GLN A 300 -22.47 10.85 15.89
C GLN A 300 -21.18 10.91 16.77
N LEU A 301 -20.49 9.77 16.88
CA LEU A 301 -19.28 9.73 17.67
C LEU A 301 -18.32 10.82 17.24
N LEU A 302 -18.34 11.17 15.95
CA LEU A 302 -17.43 12.19 15.45
C LEU A 302 -17.97 13.57 15.81
N ILE A 303 -19.27 13.79 15.72
CA ILE A 303 -19.77 15.09 16.13
C ILE A 303 -19.41 15.35 17.62
N TRP A 304 -19.49 14.33 18.46
CA TRP A 304 -19.18 14.52 19.85
C TRP A 304 -17.71 14.81 20.11
N LEU A 305 -16.81 14.05 19.48
CA LEU A 305 -15.39 14.27 19.70
C LEU A 305 -15.04 15.70 19.27
N GLU A 306 -15.83 16.19 18.30
CA GLU A 306 -15.63 17.50 17.75
C GLU A 306 -16.03 18.58 18.70
N TRP A 307 -17.20 18.41 19.29
CA TRP A 307 -17.65 19.38 20.27
C TRP A 307 -16.61 19.39 21.40
N ILE A 308 -16.30 18.21 21.95
CA ILE A 308 -15.30 18.11 23.01
C ILE A 308 -14.00 18.82 22.62
N ARG A 309 -13.53 18.63 21.38
CA ARG A 309 -12.30 19.29 20.97
C ARG A 309 -12.46 20.80 21.13
N TRP A 310 -13.56 21.33 20.60
CA TRP A 310 -13.89 22.76 20.68
C TRP A 310 -13.80 23.24 22.15
N GLU A 311 -14.53 22.58 23.05
CA GLU A 311 -14.53 22.91 24.47
C GLU A 311 -13.13 23.03 25.06
N SER A 312 -12.25 22.10 24.73
CA SER A 312 -10.84 22.03 25.20
C SER A 312 -9.92 23.21 24.87
N ASP A 313 -10.39 24.07 23.97
CA ASP A 313 -9.71 25.29 23.53
C ASP A 313 -9.92 26.36 24.65
N ASN A 314 -11.06 26.21 25.34
CA ASN A 314 -11.51 27.07 26.42
C ASN A 314 -11.83 28.46 25.97
N LYS A 315 -12.50 28.56 24.84
CA LYS A 315 -12.92 29.84 24.31
C LYS A 315 -13.62 30.71 25.36
N LEU A 316 -14.33 30.14 26.32
CA LEU A 316 -15.01 30.95 27.31
C LEU A 316 -14.05 31.67 28.23
N GLU A 317 -12.87 31.08 28.41
CA GLU A 317 -11.83 31.67 29.25
C GLU A 317 -12.01 31.44 30.75
N LEU A 318 -12.74 30.39 31.12
CA LEU A 318 -13.00 30.07 32.51
C LEU A 318 -11.75 29.69 33.31
N SER A 319 -11.83 29.72 34.63
CA SER A 319 -10.70 29.33 35.43
C SER A 319 -10.41 27.87 35.14
N ASP A 320 -9.49 27.31 35.89
CA ASP A 320 -9.13 25.92 35.67
C ASP A 320 -10.13 24.93 36.20
N ASP A 321 -10.92 25.35 37.17
CA ASP A 321 -11.88 24.45 37.73
C ASP A 321 -13.13 24.53 36.88
N LEU A 322 -13.43 25.75 36.42
CA LEU A 322 -14.62 25.98 35.59
C LEU A 322 -14.48 25.41 34.22
N HIS A 323 -13.26 25.25 33.75
CA HIS A 323 -13.12 24.66 32.43
C HIS A 323 -13.07 23.13 32.61
N LYS A 324 -12.39 22.65 33.66
CA LYS A 324 -12.32 21.21 33.90
C LYS A 324 -13.74 20.67 34.01
N ALA A 325 -14.63 21.50 34.56
CA ALA A 325 -16.05 21.19 34.77
C ALA A 325 -16.75 21.04 33.43
N ARG A 326 -16.74 22.15 32.69
CA ARG A 326 -17.37 22.26 31.38
C ARG A 326 -17.02 21.14 30.40
N MET A 327 -15.84 20.54 30.55
CA MET A 327 -15.44 19.45 29.71
C MET A 327 -16.02 18.17 30.30
N THR A 328 -15.87 18.01 31.62
CA THR A 328 -16.40 16.84 32.26
C THR A 328 -17.86 16.75 31.94
N TYR A 329 -18.55 17.89 31.87
CA TYR A 329 -19.97 17.87 31.50
C TYR A 329 -20.13 17.27 30.13
N VAL A 330 -19.65 17.96 29.12
CA VAL A 330 -19.73 17.44 27.79
C VAL A 330 -19.33 15.94 27.66
N TYR A 331 -18.27 15.55 28.37
CA TYR A 331 -17.79 14.17 28.26
C TYR A 331 -18.80 13.15 28.74
N MET A 332 -19.55 13.49 29.78
CA MET A 332 -20.51 12.57 30.30
C MET A 332 -21.75 12.57 29.43
N GLN A 333 -21.94 13.63 28.66
CA GLN A 333 -23.08 13.71 27.75
C GLN A 333 -22.81 12.74 26.61
N ALA A 334 -21.54 12.70 26.18
CA ALA A 334 -21.15 11.79 25.11
C ALA A 334 -21.13 10.35 25.56
N ALA A 335 -20.74 10.08 26.80
CA ALA A 335 -20.68 8.70 27.25
C ALA A 335 -22.07 8.15 27.43
N GLN A 336 -23.04 9.04 27.40
CA GLN A 336 -24.40 8.58 27.54
C GLN A 336 -24.97 8.28 26.16
N HIS A 337 -24.78 9.18 25.19
CA HIS A 337 -25.36 9.01 23.85
C HIS A 337 -24.67 8.18 22.78
N VAL A 338 -23.42 7.78 23.02
CA VAL A 338 -22.68 6.87 22.14
C VAL A 338 -21.89 6.01 23.13
N CYS A 339 -22.64 5.45 24.08
CA CYS A 339 -22.01 4.70 25.14
C CYS A 339 -21.30 3.49 24.68
N PHE A 340 -21.59 3.06 23.47
CA PHE A 340 -20.90 1.88 22.99
C PHE A 340 -19.65 2.11 22.12
N ALA A 341 -19.16 3.35 22.13
CA ALA A 341 -17.96 3.69 21.39
C ALA A 341 -16.87 3.56 22.43
N PRO A 342 -15.91 2.65 22.21
CA PRO A 342 -14.81 2.46 23.17
C PRO A 342 -13.83 3.66 23.21
N GLU A 343 -13.84 4.47 22.15
CA GLU A 343 -12.99 5.67 22.06
C GLU A 343 -13.47 6.81 22.92
N ILE A 344 -14.78 6.99 23.06
CA ILE A 344 -15.23 8.06 23.92
C ILE A 344 -14.88 7.75 25.38
N TRP A 345 -14.97 6.47 25.78
CA TRP A 345 -14.66 6.06 27.15
C TRP A 345 -13.17 6.11 27.36
N PHE A 346 -12.46 5.70 26.34
CA PHE A 346 -11.00 5.71 26.36
C PHE A 346 -10.54 7.17 26.60
N ASN A 347 -11.03 8.08 25.76
CA ASN A 347 -10.68 9.49 25.87
C ASN A 347 -11.12 10.18 27.16
N MET A 348 -12.37 9.93 27.57
CA MET A 348 -12.86 10.56 28.77
C MET A 348 -11.96 10.03 29.85
N ALA A 349 -11.70 8.73 29.82
CA ALA A 349 -10.86 8.17 30.84
C ALA A 349 -9.57 8.99 30.97
N ASN A 350 -8.77 9.06 29.90
CA ASN A 350 -7.51 9.79 29.97
C ASN A 350 -7.63 11.26 30.28
N TYR A 351 -8.72 11.90 29.90
CA TYR A 351 -8.86 13.30 30.24
C TYR A 351 -8.95 13.51 31.74
N GLN A 352 -9.66 12.62 32.43
CA GLN A 352 -9.84 12.74 33.88
C GLN A 352 -8.58 12.39 34.67
N GLY A 353 -7.76 11.51 34.11
CA GLY A 353 -6.54 11.11 34.79
C GLY A 353 -5.40 12.09 34.51
N GLU A 354 -5.50 12.75 33.35
CA GLU A 354 -4.54 13.74 32.90
C GLU A 354 -4.50 14.91 33.88
N LYS A 355 -5.55 15.02 34.68
CA LYS A 355 -5.66 16.06 35.70
C LYS A 355 -4.56 15.95 36.75
N ASN A 356 -4.98 15.58 37.97
CA ASN A 356 -4.07 15.45 39.10
C ASN A 356 -3.84 13.97 39.46
N THR A 357 -3.27 13.76 40.63
CA THR A 357 -2.98 12.44 41.14
C THR A 357 -4.21 11.56 41.28
N ASP A 358 -4.08 10.54 42.14
CA ASP A 358 -5.12 9.56 42.41
C ASP A 358 -5.02 8.55 41.28
N SER A 359 -4.13 7.59 41.45
CA SER A 359 -3.90 6.55 40.46
C SER A 359 -5.16 5.77 40.06
N THR A 360 -6.24 5.96 40.83
CA THR A 360 -7.47 5.25 40.58
C THR A 360 -8.42 5.83 39.53
N VAL A 361 -8.36 7.14 39.30
CA VAL A 361 -9.24 7.80 38.31
C VAL A 361 -9.35 7.16 36.91
N ILE A 362 -8.22 7.05 36.20
CA ILE A 362 -8.24 6.47 34.86
C ILE A 362 -8.93 5.11 34.85
N THR A 363 -8.59 4.27 35.82
CA THR A 363 -9.20 2.96 35.91
C THR A 363 -10.71 3.05 36.12
N LYS A 364 -11.15 4.05 36.89
CA LYS A 364 -12.56 4.20 37.18
C LYS A 364 -13.39 4.27 35.92
N TYR A 365 -12.98 5.17 35.04
CA TYR A 365 -13.67 5.39 33.80
C TYR A 365 -13.53 4.32 32.74
N LEU A 366 -12.37 3.66 32.64
CA LEU A 366 -12.29 2.58 31.66
C LEU A 366 -13.27 1.48 32.14
N LYS A 367 -13.24 1.24 33.44
CA LYS A 367 -14.08 0.23 34.03
C LYS A 367 -15.53 0.45 33.58
N LEU A 368 -16.05 1.65 33.80
CA LEU A 368 -17.42 1.94 33.38
C LEU A 368 -17.62 1.71 31.88
N GLY A 369 -16.60 2.08 31.14
CA GLY A 369 -16.62 1.88 29.71
C GLY A 369 -16.64 0.40 29.42
N GLN A 370 -15.84 -0.40 30.12
CA GLN A 370 -15.83 -1.83 29.84
C GLN A 370 -17.16 -2.47 30.15
N GLN A 371 -17.88 -1.90 31.11
CA GLN A 371 -19.18 -2.43 31.50
C GLN A 371 -20.22 -2.22 30.40
N CYS A 372 -20.09 -1.15 29.63
CA CYS A 372 -21.01 -0.92 28.54
C CYS A 372 -20.58 -1.75 27.32
N ILE A 373 -19.29 -2.04 27.20
CA ILE A 373 -18.78 -2.80 26.06
C ILE A 373 -17.87 -3.92 26.56
N PRO A 374 -18.45 -4.93 27.21
CA PRO A 374 -17.69 -6.07 27.75
C PRO A 374 -16.70 -6.78 26.81
N ASN A 375 -16.89 -6.58 25.51
CA ASN A 375 -16.08 -7.22 24.49
C ASN A 375 -15.02 -6.37 23.83
N SER A 376 -14.75 -5.20 24.36
CA SER A 376 -13.78 -4.28 23.77
C SER A 376 -12.32 -4.54 24.12
N ALA A 377 -11.52 -4.80 23.09
CA ALA A 377 -10.10 -5.03 23.28
C ALA A 377 -9.49 -3.69 23.59
N VAL A 378 -9.99 -2.62 22.99
CA VAL A 378 -9.42 -1.33 23.32
C VAL A 378 -9.50 -1.14 24.83
N LEU A 379 -10.70 -1.24 25.39
CA LEU A 379 -10.82 -1.05 26.81
C LEU A 379 -10.13 -2.15 27.69
N ALA A 380 -10.18 -3.41 27.28
CA ALA A 380 -9.55 -4.45 28.08
C ALA A 380 -8.08 -4.16 28.28
N PHE A 381 -7.38 -3.86 27.19
CA PHE A 381 -5.96 -3.57 27.27
C PHE A 381 -5.64 -2.29 28.04
N SER A 382 -6.43 -1.23 27.84
CA SER A 382 -6.26 0.05 28.55
C SER A 382 -6.35 -0.18 30.06
N LEU A 383 -7.29 -1.07 30.45
CA LEU A 383 -7.48 -1.42 31.87
C LEU A 383 -6.25 -2.23 32.29
N SER A 384 -6.08 -3.34 31.57
CA SER A 384 -4.97 -4.25 31.76
C SER A 384 -3.71 -3.46 32.05
N GLU A 385 -3.59 -2.33 31.36
CA GLU A 385 -2.45 -1.45 31.48
C GLU A 385 -2.46 -0.64 32.75
N GLN A 386 -3.63 -0.22 33.18
CA GLN A 386 -3.70 0.55 34.41
C GLN A 386 -3.49 -0.33 35.63
N TYR A 387 -4.02 -1.56 35.59
CA TYR A 387 -3.87 -2.45 36.71
C TYR A 387 -2.43 -2.71 36.98
N GLU A 388 -1.67 -2.81 35.89
CA GLU A 388 -0.23 -3.04 35.97
C GLU A 388 0.53 -1.86 36.64
N LEU A 389 0.09 -0.63 36.36
CA LEU A 389 0.70 0.55 36.92
C LEU A 389 0.45 0.73 38.41
N ASN A 390 -0.81 0.65 38.83
CA ASN A 390 -1.13 0.79 40.25
C ASN A 390 -0.84 -0.54 40.95
N THR A 391 -0.13 -1.38 40.19
CA THR A 391 0.34 -2.72 40.57
C THR A 391 -0.66 -3.62 41.32
N LYS A 392 -1.55 -4.22 40.54
CA LYS A 392 -2.55 -5.14 41.03
C LYS A 392 -2.46 -6.20 39.96
N ILE A 393 -1.38 -6.96 40.01
CA ILE A 393 -1.13 -7.99 39.00
C ILE A 393 -2.26 -9.02 38.76
N PRO A 394 -3.05 -9.33 39.80
CA PRO A 394 -4.13 -10.31 39.57
C PRO A 394 -5.25 -9.86 38.62
N GLU A 395 -5.64 -8.59 38.67
CA GLU A 395 -6.70 -8.09 37.79
C GLU A 395 -6.29 -8.05 36.33
N ILE A 396 -4.99 -7.99 36.07
CA ILE A 396 -4.49 -7.98 34.70
C ILE A 396 -4.98 -9.23 33.99
N GLU A 397 -4.91 -10.38 34.64
CA GLU A 397 -5.37 -11.57 33.97
C GLU A 397 -6.91 -11.64 33.93
N THR A 398 -7.53 -11.15 35.01
CA THR A 398 -8.99 -11.11 35.18
C THR A 398 -9.69 -10.44 34.01
N THR A 399 -9.51 -9.12 33.91
CA THR A 399 -10.14 -8.32 32.87
C THR A 399 -9.95 -8.84 31.44
N ILE A 400 -8.72 -8.86 30.91
CA ILE A 400 -8.47 -9.40 29.56
C ILE A 400 -9.28 -10.68 29.32
N LEU A 401 -9.16 -11.59 30.28
CA LEU A 401 -9.82 -12.89 30.27
C LEU A 401 -11.32 -12.80 30.05
N SER A 402 -11.95 -11.82 30.72
CA SER A 402 -13.40 -11.66 30.57
C SER A 402 -13.68 -11.23 29.12
N CYS A 403 -13.03 -10.17 28.68
CA CYS A 403 -13.20 -9.74 27.32
C CYS A 403 -13.19 -10.98 26.37
N ILE A 404 -12.29 -11.93 26.63
CA ILE A 404 -12.18 -13.12 25.80
C ILE A 404 -13.43 -13.95 25.93
N ASP A 405 -13.89 -14.08 27.17
CA ASP A 405 -15.07 -14.87 27.49
C ASP A 405 -16.26 -14.33 26.74
N ARG A 406 -16.32 -13.01 26.68
CA ARG A 406 -17.41 -12.30 26.02
C ARG A 406 -17.37 -12.53 24.51
N ILE A 407 -16.16 -12.43 23.96
CA ILE A 407 -15.96 -12.62 22.53
C ILE A 407 -16.25 -14.04 22.14
N HIS A 408 -15.85 -14.99 23.00
CA HIS A 408 -16.05 -16.45 22.83
C HIS A 408 -17.48 -16.79 22.57
N LEU A 409 -18.32 -16.20 23.43
CA LEU A 409 -19.77 -16.31 23.46
C LEU A 409 -20.40 -15.57 22.29
N ASP A 410 -19.78 -14.48 21.86
CA ASP A 410 -20.30 -13.72 20.73
C ASP A 410 -20.05 -14.57 19.49
N LEU A 411 -18.89 -15.23 19.45
CA LEU A 411 -18.57 -16.04 18.32
C LEU A 411 -19.55 -17.16 18.25
N ALA A 412 -19.66 -17.90 19.36
CA ALA A 412 -20.56 -19.03 19.40
C ALA A 412 -21.99 -18.65 18.94
N ALA A 413 -22.50 -17.54 19.50
CA ALA A 413 -23.83 -17.03 19.19
C ALA A 413 -24.05 -16.80 17.72
N LEU A 414 -23.02 -16.35 16.99
CA LEU A 414 -23.14 -16.10 15.55
C LEU A 414 -22.99 -17.36 14.67
N MET A 415 -22.06 -18.24 15.07
CA MET A 415 -21.81 -19.50 14.37
C MET A 415 -23.12 -20.26 14.29
N GLU A 416 -24.06 -19.89 15.16
CA GLU A 416 -25.33 -20.57 15.19
C GLU A 416 -26.54 -19.78 14.68
N ASP A 417 -26.61 -18.47 14.94
CA ASP A 417 -27.77 -17.68 14.45
C ASP A 417 -27.72 -17.50 12.93
N ASP A 418 -26.55 -17.71 12.34
CA ASP A 418 -26.39 -17.66 10.89
C ASP A 418 -24.97 -18.05 10.54
N PRO A 419 -24.71 -19.35 10.48
CA PRO A 419 -23.38 -19.85 10.15
C PRO A 419 -22.95 -19.64 8.70
N THR A 420 -23.88 -19.15 7.87
CA THR A 420 -23.62 -18.91 6.45
C THR A 420 -22.84 -17.63 6.14
N ASN A 421 -22.70 -16.79 7.15
CA ASN A 421 -22.01 -15.52 7.04
C ASN A 421 -20.54 -15.73 7.37
N GLU A 422 -19.88 -16.60 6.62
CA GLU A 422 -18.48 -16.92 6.89
C GLU A 422 -17.48 -15.76 7.02
N SER A 423 -17.91 -14.54 6.72
CA SER A 423 -16.98 -13.43 6.88
C SER A 423 -17.09 -12.89 8.30
N ALA A 424 -18.31 -12.52 8.66
CA ALA A 424 -18.60 -12.03 10.00
C ALA A 424 -18.01 -13.03 11.02
N ILE A 425 -17.96 -14.31 10.67
CA ILE A 425 -17.40 -15.29 11.59
C ILE A 425 -15.89 -15.19 11.67
N ASN A 426 -15.23 -15.14 10.52
CA ASN A 426 -13.77 -15.06 10.53
C ASN A 426 -13.33 -13.75 11.15
N GLN A 427 -14.17 -12.74 10.97
CA GLN A 427 -13.83 -11.46 11.53
C GLN A 427 -13.73 -11.70 13.02
N LEU A 428 -14.71 -12.39 13.60
CA LEU A 428 -14.69 -12.70 15.02
C LEU A 428 -13.55 -13.62 15.43
N LYS A 429 -13.41 -14.72 14.70
CA LYS A 429 -12.35 -15.66 15.00
C LYS A 429 -11.08 -14.85 15.05
N SER A 430 -10.94 -13.93 14.09
CA SER A 430 -9.73 -13.13 14.08
C SER A 430 -9.58 -12.35 15.38
N LYS A 431 -10.66 -11.66 15.79
CA LYS A 431 -10.64 -10.86 17.03
C LYS A 431 -10.37 -11.73 18.27
N LEU A 432 -10.92 -12.96 18.28
CA LEU A 432 -10.71 -13.89 19.40
C LEU A 432 -9.22 -14.11 19.59
N THR A 433 -8.61 -14.58 18.50
CA THR A 433 -7.19 -14.88 18.42
C THR A 433 -6.31 -13.68 18.72
N TYR A 434 -6.63 -12.54 18.10
CA TYR A 434 -5.85 -11.35 18.32
C TYR A 434 -5.76 -11.12 19.82
N VAL A 435 -6.90 -11.24 20.50
CA VAL A 435 -6.87 -10.97 21.93
C VAL A 435 -6.03 -12.03 22.60
N TYR A 436 -6.22 -13.29 22.23
CA TYR A 436 -5.41 -14.35 22.82
C TYR A 436 -3.92 -13.97 22.73
N CYS A 437 -3.48 -13.67 21.51
CA CYS A 437 -2.09 -13.25 21.26
C CYS A 437 -1.69 -12.14 22.24
N VAL A 438 -2.46 -11.07 22.32
CA VAL A 438 -2.06 -10.04 23.23
C VAL A 438 -1.97 -10.55 24.65
N TYR A 439 -2.86 -11.48 25.01
CA TYR A 439 -2.90 -12.04 26.37
C TYR A 439 -1.59 -12.81 26.64
N MET A 440 -1.33 -13.80 25.78
CA MET A 440 -0.14 -14.65 25.85
C MET A 440 1.12 -13.81 26.02
N ASN A 441 1.31 -12.83 25.13
CA ASN A 441 2.46 -11.92 25.18
C ASN A 441 2.48 -11.25 26.55
N THR A 442 1.38 -10.59 26.88
CA THR A 442 1.29 -9.87 28.14
C THR A 442 1.52 -10.78 29.36
N MET A 443 1.11 -12.05 29.28
CA MET A 443 1.34 -12.94 30.42
C MET A 443 2.82 -13.34 30.43
N LYS A 444 3.33 -13.69 29.25
CA LYS A 444 4.72 -14.05 29.09
C LYS A 444 5.73 -13.07 29.73
N ARG A 445 5.55 -11.76 29.58
CA ARG A 445 6.52 -10.84 30.17
C ARG A 445 6.12 -10.40 31.58
N ILE A 446 4.97 -10.89 32.04
CA ILE A 446 4.52 -10.54 33.39
C ILE A 446 4.67 -11.74 34.34
N GLN A 447 4.54 -12.96 33.82
CA GLN A 447 4.67 -14.16 34.64
C GLN A 447 5.34 -15.39 33.98
N GLY A 448 6.59 -15.19 33.55
CA GLY A 448 7.39 -16.26 32.94
C GLY A 448 6.90 -16.97 31.69
N LEU A 449 7.83 -17.69 31.06
CA LEU A 449 7.54 -18.43 29.83
C LEU A 449 6.48 -19.49 30.07
N ALA A 450 6.58 -20.15 31.23
CA ALA A 450 5.64 -21.22 31.60
C ALA A 450 4.17 -20.79 31.52
N ALA A 451 3.93 -19.48 31.67
CA ALA A 451 2.59 -18.89 31.61
C ALA A 451 2.07 -18.98 30.15
N SER A 452 2.83 -18.35 29.26
CA SER A 452 2.53 -18.29 27.83
C SER A 452 2.15 -19.68 27.34
N ARG A 453 2.90 -20.66 27.82
CA ARG A 453 2.66 -22.04 27.50
C ARG A 453 1.21 -22.35 27.83
N LYS A 454 0.84 -22.12 29.10
CA LYS A 454 -0.50 -22.39 29.60
C LYS A 454 -1.56 -21.91 28.61
N ILE A 455 -1.47 -20.63 28.29
CA ILE A 455 -2.41 -20.01 27.36
C ILE A 455 -2.40 -20.77 26.01
N PHE A 456 -1.28 -20.70 25.29
CA PHE A 456 -1.18 -21.36 24.01
C PHE A 456 -1.69 -22.79 24.13
N GLY A 457 -1.43 -23.41 25.29
CA GLY A 457 -1.88 -24.79 25.49
C GLY A 457 -3.36 -24.91 25.17
N LYS A 458 -4.12 -23.94 25.70
CA LYS A 458 -5.58 -23.93 25.51
C LYS A 458 -6.09 -23.36 24.18
N CYS A 459 -5.25 -22.57 23.49
CA CYS A 459 -5.64 -22.00 22.21
C CYS A 459 -5.66 -23.19 21.26
N ARG A 460 -4.68 -24.07 21.46
CA ARG A 460 -4.57 -25.26 20.64
C ARG A 460 -5.88 -25.98 20.77
N ARG A 461 -6.24 -26.15 22.05
CA ARG A 461 -7.48 -26.80 22.48
C ARG A 461 -8.72 -26.35 21.67
N LEU A 462 -8.65 -25.14 21.10
CA LEU A 462 -9.76 -24.55 20.33
C LEU A 462 -9.85 -24.99 18.88
N LYS A 463 -8.74 -25.47 18.35
CA LYS A 463 -8.69 -25.98 16.98
C LYS A 463 -8.76 -24.93 15.89
N LYS A 464 -9.80 -25.08 15.08
CA LYS A 464 -10.10 -24.22 13.94
C LYS A 464 -10.91 -22.99 14.35
N LEU A 465 -11.30 -22.93 15.61
CA LEU A 465 -12.06 -21.76 16.06
C LEU A 465 -11.11 -20.55 16.08
N VAL A 466 -9.84 -20.76 16.39
CA VAL A 466 -8.87 -19.65 16.38
C VAL A 466 -8.23 -19.54 14.98
N THR A 467 -7.36 -18.54 14.84
CA THR A 467 -6.70 -18.27 13.58
C THR A 467 -5.17 -18.47 13.66
N PRO A 468 -4.51 -18.77 12.50
CA PRO A 468 -3.06 -19.00 12.42
C PRO A 468 -2.11 -18.12 13.29
N ASP A 469 -2.42 -16.82 13.42
CA ASP A 469 -1.58 -15.86 14.16
C ASP A 469 -1.18 -16.21 15.56
N ILE A 470 -1.83 -17.21 16.14
CA ILE A 470 -1.51 -17.58 17.51
C ILE A 470 -0.27 -18.46 17.52
N TYR A 471 -0.16 -19.38 16.55
CA TYR A 471 1.03 -20.24 16.46
C TYR A 471 2.24 -19.39 16.00
N LEU A 472 2.01 -18.46 15.06
CA LEU A 472 3.08 -17.59 14.59
C LEU A 472 3.61 -16.74 15.77
N GLU A 473 2.69 -16.10 16.49
CA GLU A 473 3.00 -15.26 17.66
C GLU A 473 3.61 -16.04 18.84
N ASN A 474 3.27 -17.33 18.93
CA ASN A 474 3.80 -18.23 19.95
C ASN A 474 5.24 -18.56 19.49
N ALA A 475 5.32 -18.99 18.23
CA ALA A 475 6.58 -19.31 17.61
C ALA A 475 7.59 -18.19 17.89
N TYR A 476 7.32 -16.97 17.43
CA TYR A 476 8.25 -15.84 17.63
C TYR A 476 8.71 -15.50 19.04
N ILE A 477 8.03 -16.03 20.06
CA ILE A 477 8.43 -15.78 21.45
C ILE A 477 9.15 -17.05 21.96
N GLU A 478 8.66 -18.21 21.51
CA GLU A 478 9.25 -19.51 21.81
C GLU A 478 10.67 -19.61 21.24
N TYR A 479 10.95 -18.65 20.36
CA TYR A 479 12.24 -18.49 19.72
C TYR A 479 13.03 -17.58 20.69
N HIS A 480 12.70 -16.29 20.67
CA HIS A 480 13.36 -15.24 21.48
C HIS A 480 13.84 -15.59 22.88
N ILE A 481 13.57 -16.84 23.31
CA ILE A 481 14.02 -17.36 24.61
C ILE A 481 15.54 -17.17 24.61
N SER A 482 16.20 -18.13 23.96
CA SER A 482 17.64 -18.15 23.79
C SER A 482 17.89 -18.42 22.30
N LYS A 483 17.49 -17.45 21.46
CA LYS A 483 17.61 -17.49 20.00
C LYS A 483 17.61 -18.91 19.37
N ASP A 484 17.02 -19.88 20.09
CA ASP A 484 16.95 -21.25 19.61
C ASP A 484 15.71 -21.57 18.78
N THR A 485 15.92 -22.37 17.74
CA THR A 485 14.86 -22.76 16.80
C THR A 485 14.31 -24.18 16.96
N LYS A 486 14.77 -24.87 17.99
CA LYS A 486 14.34 -26.24 18.21
C LYS A 486 12.84 -26.33 18.61
N THR A 487 12.50 -25.67 19.73
CA THR A 487 11.12 -25.62 20.29
C THR A 487 10.21 -24.78 19.40
N ALA A 488 10.61 -23.51 19.26
CA ALA A 488 9.92 -22.49 18.46
C ALA A 488 9.42 -23.07 17.14
N CYS A 489 10.21 -23.95 16.51
CA CYS A 489 9.82 -24.56 15.23
C CYS A 489 8.75 -25.63 15.37
N LYS A 490 8.87 -26.48 16.40
CA LYS A 490 7.89 -27.53 16.59
C LYS A 490 6.46 -27.01 16.68
N VAL A 491 6.31 -25.74 17.09
CA VAL A 491 5.00 -25.10 17.23
C VAL A 491 4.21 -25.04 15.90
N LEU A 492 4.71 -24.23 14.97
CA LEU A 492 4.11 -24.01 13.66
C LEU A 492 3.83 -25.33 12.97
N GLU A 493 4.68 -26.30 13.24
CA GLU A 493 4.52 -27.63 12.66
C GLU A 493 3.13 -28.10 13.08
N LEU A 494 2.87 -27.98 14.38
CA LEU A 494 1.57 -28.37 14.92
C LEU A 494 0.49 -27.66 14.11
N GLY A 495 0.61 -26.32 14.09
CA GLY A 495 -0.30 -25.45 13.38
C GLY A 495 -0.62 -25.97 11.99
N LEU A 496 0.41 -26.50 11.33
CA LEU A 496 0.21 -27.02 9.99
C LEU A 496 -0.92 -28.02 10.01
N LYS A 497 -1.24 -28.54 11.20
CA LYS A 497 -2.33 -29.52 11.36
C LYS A 497 -3.67 -29.02 10.87
N TYR A 498 -3.94 -27.73 11.14
CA TYR A 498 -5.20 -27.09 10.76
C TYR A 498 -5.05 -26.10 9.59
N PHE A 499 -3.82 -25.62 9.38
CA PHE A 499 -3.58 -24.61 8.34
C PHE A 499 -2.54 -24.91 7.28
N ALA A 500 -2.49 -26.14 6.78
CA ALA A 500 -1.51 -26.44 5.76
C ALA A 500 -2.07 -26.01 4.41
N THR A 501 -3.28 -25.45 4.43
CA THR A 501 -3.92 -25.05 3.18
C THR A 501 -4.02 -23.55 3.06
N ASP A 502 -3.77 -22.87 4.17
CA ASP A 502 -3.84 -21.40 4.18
C ASP A 502 -2.52 -20.82 3.70
N GLY A 503 -2.47 -20.48 2.40
CA GLY A 503 -1.26 -19.93 1.82
C GLY A 503 -0.83 -18.76 2.68
N GLU A 504 -1.85 -18.07 3.22
CA GLU A 504 -1.70 -16.92 4.09
C GLU A 504 -0.80 -17.27 5.27
N TYR A 505 -1.05 -18.43 5.84
CA TYR A 505 -0.28 -18.94 6.98
C TYR A 505 1.14 -19.31 6.51
N ILE A 506 1.20 -20.25 5.57
CA ILE A 506 2.44 -20.77 4.99
C ILE A 506 3.42 -19.64 4.70
N ASN A 507 2.90 -18.60 4.04
CA ASN A 507 3.68 -17.43 3.66
C ASN A 507 4.35 -16.88 4.92
N LYS A 508 3.53 -16.54 5.92
CA LYS A 508 4.01 -16.01 7.21
C LYS A 508 4.93 -17.01 7.98
N TYR A 509 4.78 -18.30 7.65
CA TYR A 509 5.58 -19.37 8.25
C TYR A 509 7.00 -19.33 7.62
N LEU A 510 7.04 -19.24 6.28
CA LEU A 510 8.30 -19.16 5.54
C LEU A 510 8.99 -17.92 5.98
N ASP A 511 8.24 -16.83 6.02
CA ASP A 511 8.80 -15.55 6.43
C ASP A 511 9.60 -15.76 7.70
N PHE A 512 9.10 -16.64 8.56
CA PHE A 512 9.80 -16.97 9.82
C PHE A 512 11.10 -17.78 9.54
N LEU A 513 10.94 -18.95 8.92
CA LEU A 513 12.06 -19.81 8.56
C LEU A 513 13.18 -18.94 7.96
N ILE A 514 12.81 -18.11 6.98
CA ILE A 514 13.73 -17.18 6.31
C ILE A 514 14.37 -16.22 7.31
N TYR A 515 13.51 -15.58 8.11
CA TYR A 515 13.88 -14.64 9.17
C TYR A 515 14.95 -15.30 10.04
N VAL A 516 14.57 -16.37 10.73
CA VAL A 516 15.49 -17.12 11.57
C VAL A 516 16.13 -18.11 10.63
N ASN A 517 17.02 -17.60 9.79
CA ASN A 517 17.75 -18.36 8.78
C ASN A 517 17.95 -19.88 9.02
N GLU A 518 17.03 -20.69 8.46
CA GLU A 518 17.05 -22.14 8.59
C GLU A 518 16.83 -22.73 7.22
N GLU A 519 17.85 -22.58 6.39
CA GLU A 519 17.84 -23.02 5.02
C GLU A 519 16.98 -24.24 4.66
N SER A 520 17.46 -25.44 4.96
CA SER A 520 16.75 -26.69 4.66
C SER A 520 15.25 -26.59 4.92
N GLN A 521 14.94 -26.09 6.11
CA GLN A 521 13.58 -25.88 6.58
C GLN A 521 12.65 -25.31 5.49
N VAL A 522 13.15 -24.26 4.85
CA VAL A 522 12.41 -23.62 3.80
C VAL A 522 12.11 -24.57 2.64
N LYS A 523 13.15 -25.24 2.15
CA LYS A 523 13.01 -26.17 1.02
C LYS A 523 11.90 -27.18 1.30
N SER A 524 11.91 -27.64 2.54
CA SER A 524 10.97 -28.63 3.02
C SER A 524 9.51 -28.20 2.88
N LEU A 525 9.20 -27.12 3.58
CA LEU A 525 7.86 -26.57 3.57
C LEU A 525 7.45 -26.14 2.18
N PHE A 526 8.35 -25.44 1.50
CA PHE A 526 8.04 -25.00 0.18
C PHE A 526 7.54 -26.20 -0.60
N GLU A 527 8.36 -27.23 -0.64
CA GLU A 527 8.04 -28.43 -1.38
C GLU A 527 6.63 -28.96 -1.02
N SER A 528 6.52 -29.44 0.22
CA SER A 528 5.28 -30.01 0.77
C SER A 528 3.96 -29.30 0.47
N SER A 529 4.00 -28.01 0.17
CA SER A 529 2.75 -27.30 -0.02
C SER A 529 2.45 -26.60 -1.33
N ILE A 530 3.18 -26.89 -2.39
CA ILE A 530 2.92 -26.21 -3.66
C ILE A 530 1.59 -26.62 -4.31
N ASP A 531 1.09 -27.78 -3.91
CA ASP A 531 -0.17 -28.34 -4.42
C ASP A 531 -1.27 -28.11 -3.39
N LYS A 532 -0.91 -28.31 -2.11
CA LYS A 532 -1.79 -28.16 -0.95
C LYS A 532 -2.18 -26.71 -0.60
N ILE A 533 -1.58 -25.74 -1.27
CA ILE A 533 -1.91 -24.35 -0.98
C ILE A 533 -2.95 -23.82 -1.96
N SER A 534 -4.18 -23.67 -1.45
CA SER A 534 -5.27 -23.14 -2.25
C SER A 534 -4.85 -21.84 -2.93
N ASP A 535 -5.78 -21.24 -3.68
CA ASP A 535 -5.50 -19.97 -4.34
C ASP A 535 -4.42 -20.13 -5.40
N SER A 536 -3.89 -19.00 -5.83
CA SER A 536 -2.83 -18.93 -6.82
C SER A 536 -2.06 -17.67 -6.49
N HIS A 537 -2.75 -16.54 -6.52
CA HIS A 537 -2.15 -15.25 -6.20
C HIS A 537 -1.27 -15.33 -4.95
N LEU A 538 -1.57 -16.26 -4.05
CA LEU A 538 -0.81 -16.38 -2.81
C LEU A 538 0.34 -17.36 -2.92
N LEU A 539 0.15 -18.39 -3.73
CA LEU A 539 1.19 -19.40 -3.95
C LEU A 539 2.32 -18.72 -4.71
N LYS A 540 1.93 -17.96 -5.74
CA LYS A 540 2.86 -17.20 -6.56
C LYS A 540 3.73 -16.45 -5.58
N MET A 541 3.13 -15.50 -4.87
CA MET A 541 3.83 -14.70 -3.85
C MET A 541 4.76 -15.57 -3.03
N ILE A 542 4.47 -16.86 -2.90
CA ILE A 542 5.32 -17.75 -2.11
C ILE A 542 6.54 -18.25 -2.87
N PHE A 543 6.38 -18.46 -4.17
CA PHE A 543 7.48 -18.88 -5.00
C PHE A 543 8.51 -17.75 -4.93
N GLN A 544 8.16 -16.57 -5.45
CA GLN A 544 9.05 -15.41 -5.47
C GLN A 544 9.89 -15.29 -4.22
N LYS A 545 9.28 -15.60 -3.08
CA LYS A 545 9.95 -15.52 -1.77
C LYS A 545 11.06 -16.54 -1.58
N VAL A 546 10.74 -17.80 -1.83
CA VAL A 546 11.73 -18.86 -1.71
C VAL A 546 12.80 -18.76 -2.81
N ILE A 547 12.45 -18.21 -3.97
CA ILE A 547 13.40 -18.07 -5.08
C ILE A 547 14.36 -17.00 -4.66
N PHE A 548 13.82 -15.89 -4.14
CA PHE A 548 14.66 -14.80 -3.71
C PHE A 548 15.53 -15.26 -2.58
N PHE A 549 15.04 -16.24 -1.83
CA PHE A 549 15.82 -16.75 -0.72
C PHE A 549 16.96 -17.61 -1.26
N GLU A 550 16.64 -18.44 -2.25
CA GLU A 550 17.64 -19.30 -2.86
C GLU A 550 18.80 -18.45 -3.34
N SER A 551 18.48 -17.41 -4.10
CA SER A 551 19.48 -16.51 -4.66
C SER A 551 20.43 -16.02 -3.59
N LYS A 552 19.91 -15.39 -2.55
CA LYS A 552 20.76 -14.87 -1.50
C LYS A 552 21.63 -15.97 -0.89
N VAL A 553 21.14 -17.20 -0.83
CA VAL A 553 21.94 -18.31 -0.24
C VAL A 553 22.66 -19.26 -1.24
N GLY A 554 23.45 -18.67 -2.14
CA GLY A 554 24.24 -19.40 -3.13
C GLY A 554 23.51 -20.14 -4.24
N SER A 555 24.27 -20.90 -5.01
CA SER A 555 23.78 -21.73 -6.09
C SER A 555 23.57 -21.13 -7.49
N LEU A 556 22.59 -20.25 -7.64
CA LEU A 556 22.29 -19.64 -8.94
C LEU A 556 21.93 -20.73 -9.94
N ASN A 557 22.29 -21.96 -9.59
CA ASN A 557 21.98 -23.11 -10.41
C ASN A 557 20.73 -23.71 -9.80
N SER A 558 20.53 -23.42 -8.52
CA SER A 558 19.34 -23.88 -7.82
C SER A 558 18.23 -22.93 -8.28
N VAL A 559 18.56 -21.65 -8.27
CA VAL A 559 17.64 -20.63 -8.72
C VAL A 559 17.17 -21.02 -10.13
N ARG A 560 18.13 -21.27 -11.01
CA ARG A 560 17.84 -21.64 -12.39
C ARG A 560 16.74 -22.70 -12.50
N THR A 561 16.61 -23.56 -11.51
CA THR A 561 15.60 -24.61 -11.56
C THR A 561 14.25 -24.17 -10.98
N LEU A 562 14.25 -23.66 -9.74
CA LEU A 562 13.00 -23.23 -9.15
C LEU A 562 12.36 -22.32 -10.18
N GLU A 563 13.20 -21.50 -10.81
CA GLU A 563 12.74 -20.54 -11.82
C GLU A 563 12.02 -21.25 -12.95
N LYS A 564 12.45 -22.46 -13.24
CA LYS A 564 11.82 -23.24 -14.30
C LYS A 564 10.45 -23.71 -13.83
N ARG A 565 10.42 -24.39 -12.68
CA ARG A 565 9.17 -24.89 -12.11
C ARG A 565 8.16 -23.75 -11.96
N PHE A 566 8.61 -22.63 -11.43
CA PHE A 566 7.76 -21.45 -11.27
C PHE A 566 7.04 -21.13 -12.58
N PHE A 567 7.79 -20.83 -13.63
CA PHE A 567 7.18 -20.46 -14.91
C PHE A 567 6.30 -21.52 -15.59
N GLU A 568 6.41 -22.77 -15.14
CA GLU A 568 5.59 -23.84 -15.70
C GLU A 568 4.18 -23.77 -15.09
N LYS A 569 4.12 -23.77 -13.76
CA LYS A 569 2.86 -23.70 -13.02
C LYS A 569 2.23 -22.33 -13.16
N PHE A 570 3.03 -21.38 -13.64
CA PHE A 570 2.56 -20.02 -13.86
C PHE A 570 2.96 -19.49 -15.22
N PRO A 571 2.45 -20.10 -16.29
CA PRO A 571 2.79 -19.62 -17.62
C PRO A 571 2.30 -18.19 -17.59
N GLU A 572 2.44 -17.44 -18.67
CA GLU A 572 1.91 -16.07 -18.66
C GLU A 572 2.61 -15.12 -17.70
N VAL A 573 3.31 -15.63 -16.70
CA VAL A 573 4.00 -14.75 -15.74
C VAL A 573 5.11 -13.98 -16.45
N ASN A 574 5.12 -12.67 -16.28
CA ASN A 574 6.11 -11.82 -16.92
C ASN A 574 7.57 -12.12 -16.53
N LYS A 575 8.25 -12.96 -17.31
CA LYS A 575 9.65 -13.31 -17.11
C LYS A 575 10.52 -12.21 -16.54
N LEU A 576 10.45 -11.01 -17.11
CA LEU A 576 11.27 -9.89 -16.63
C LEU A 576 10.73 -9.21 -15.39
N GLU A 577 9.42 -9.17 -15.22
CA GLU A 577 8.91 -8.53 -14.01
C GLU A 577 9.40 -9.38 -12.86
N GLU A 578 9.30 -10.69 -12.99
CA GLU A 578 9.74 -11.54 -11.91
C GLU A 578 11.25 -11.57 -11.80
N PHE A 579 11.94 -11.13 -12.83
CA PHE A 579 13.39 -11.11 -12.77
C PHE A 579 13.77 -10.01 -11.77
N THR A 580 13.10 -8.87 -11.88
CA THR A 580 13.40 -7.75 -11.00
C THR A 580 13.21 -8.12 -9.53
N ASN A 581 12.10 -8.74 -9.16
CA ASN A 581 11.89 -9.11 -7.75
C ASN A 581 13.08 -9.89 -7.15
N LYS A 582 13.73 -10.73 -7.95
CA LYS A 582 14.87 -11.51 -7.46
C LYS A 582 16.04 -10.64 -7.01
N TYR A 583 16.06 -9.42 -7.52
CA TYR A 583 17.14 -8.48 -7.18
C TYR A 583 16.68 -7.27 -6.36
N LYS A 584 15.68 -7.45 -5.49
CA LYS A 584 15.26 -6.36 -4.66
C LYS A 584 16.39 -6.36 -3.66
N VAL A 585 16.76 -5.18 -3.17
CA VAL A 585 17.81 -5.03 -2.18
C VAL A 585 17.11 -4.22 -1.12
N LEU A 586 16.88 -4.79 0.05
CA LEU A 586 16.17 -4.07 1.11
C LEU A 586 14.70 -3.88 0.82
N ASP A 587 14.02 -4.97 0.45
CA ASP A 587 12.58 -4.96 0.17
C ASP A 587 12.17 -4.05 -0.97
N VAL A 588 13.10 -3.30 -1.54
CA VAL A 588 12.77 -2.35 -2.61
C VAL A 588 13.13 -2.88 -3.96
N ASN A 589 12.26 -2.73 -4.95
CA ASN A 589 12.69 -3.20 -6.25
C ASN A 589 13.19 -1.98 -7.00
N TYR A 590 14.51 -1.75 -7.03
CA TYR A 590 15.05 -0.59 -7.76
C TYR A 590 15.09 -0.80 -9.29
N LEU A 591 15.35 -2.04 -9.70
CA LEU A 591 15.36 -2.32 -11.11
C LEU A 591 14.14 -1.68 -11.72
N GLN A 592 13.00 -1.81 -11.06
CA GLN A 592 11.77 -1.24 -11.54
C GLN A 592 11.55 0.25 -11.37
N ARG A 593 11.94 0.78 -10.22
CA ARG A 593 11.73 2.20 -9.93
C ARG A 593 12.67 3.06 -10.70
N LEU A 594 13.83 2.52 -11.04
CA LEU A 594 14.77 3.30 -11.80
C LEU A 594 14.77 3.03 -13.32
N GLU A 595 14.96 1.77 -13.74
CA GLU A 595 14.92 1.50 -15.19
C GLU A 595 13.52 1.29 -15.75
N LEU A 596 12.86 0.22 -15.31
CA LEU A 596 11.54 -0.12 -15.81
C LEU A 596 10.39 0.53 -15.03
N ASP A 597 10.51 1.82 -14.74
CA ASP A 597 9.49 2.51 -14.00
C ASP A 597 8.17 2.58 -14.73
N TYR A 598 8.03 1.74 -15.76
CA TYR A 598 6.81 1.69 -16.53
C TYR A 598 6.12 0.41 -16.12
N MET A 599 6.81 -0.35 -15.27
CA MET A 599 6.34 -1.64 -14.77
C MET A 599 5.67 -1.68 -13.38
N GLU B 47 38.49 24.51 -28.00
CA GLU B 47 38.84 25.14 -29.31
C GLU B 47 37.62 25.38 -30.26
N SER B 48 37.86 25.60 -31.56
CA SER B 48 36.73 25.82 -32.51
C SER B 48 36.79 25.13 -33.90
N ASP B 49 37.23 23.87 -33.89
CA ASP B 49 37.31 23.02 -35.09
C ASP B 49 36.32 21.88 -34.80
N VAL B 50 35.18 21.90 -35.49
CA VAL B 50 34.14 20.91 -35.29
C VAL B 50 34.61 19.49 -34.99
N ILE B 51 35.44 18.95 -35.87
CA ILE B 51 35.96 17.60 -35.69
C ILE B 51 36.46 17.29 -34.27
N GLY B 52 36.84 18.32 -33.53
CA GLY B 52 37.35 18.07 -32.20
C GLY B 52 36.29 18.03 -31.12
N LYS B 53 35.38 19.00 -31.12
CA LYS B 53 34.34 19.03 -30.10
C LYS B 53 33.43 17.83 -30.29
N LEU B 54 33.18 17.49 -31.55
CA LEU B 54 32.34 16.35 -31.88
C LEU B 54 33.01 15.08 -31.35
N ASN B 55 34.25 14.82 -31.75
CA ASN B 55 34.94 13.62 -31.28
C ASN B 55 35.05 13.56 -29.76
N ASP B 56 34.77 14.70 -29.12
CA ASP B 56 34.82 14.82 -27.66
C ASP B 56 33.45 14.44 -27.10
N MET B 57 32.42 15.17 -27.53
CA MET B 57 31.04 14.91 -27.15
C MET B 57 30.72 13.44 -27.38
N ILE B 58 31.19 12.93 -28.50
CA ILE B 58 30.95 11.56 -28.86
C ILE B 58 31.61 10.71 -27.82
N GLU B 59 32.72 11.17 -27.28
CA GLU B 59 33.36 10.29 -26.30
C GLU B 59 32.65 10.31 -24.98
N GLU B 60 31.84 11.34 -24.79
CA GLU B 60 31.09 11.52 -23.57
C GLU B 60 29.75 10.83 -23.63
N GLN B 61 29.20 10.71 -24.83
CA GLN B 61 27.91 10.06 -25.06
C GLN B 61 28.03 9.15 -26.24
N PRO B 62 28.88 8.15 -26.18
CA PRO B 62 29.07 7.21 -27.29
C PRO B 62 27.87 6.43 -27.83
N THR B 63 26.69 6.72 -27.28
CA THR B 63 25.49 6.05 -27.71
C THR B 63 24.62 7.07 -28.39
N ASP B 64 25.05 8.32 -28.46
CA ASP B 64 24.23 9.32 -29.11
C ASP B 64 24.51 9.17 -30.60
N ILE B 65 23.63 8.46 -31.29
CA ILE B 65 23.85 8.23 -32.71
C ILE B 65 23.88 9.53 -33.50
N PHE B 66 23.13 10.53 -33.11
CA PHE B 66 23.16 11.72 -33.91
C PHE B 66 24.53 12.40 -34.03
N LEU B 67 25.29 12.42 -32.95
CA LEU B 67 26.60 13.06 -33.00
C LEU B 67 27.55 12.47 -34.04
N TYR B 68 27.55 11.14 -34.24
CA TYR B 68 28.43 10.47 -35.23
C TYR B 68 27.94 10.91 -36.62
N VAL B 69 26.64 11.12 -36.75
CA VAL B 69 26.06 11.51 -38.04
C VAL B 69 26.55 12.89 -38.39
N LYS B 70 26.73 13.75 -37.39
CA LYS B 70 27.24 15.08 -37.66
C LYS B 70 28.73 14.99 -38.01
N LEU B 71 29.48 14.23 -37.23
CA LEU B 71 30.90 14.11 -37.50
C LEU B 71 31.06 13.54 -38.88
N LEU B 72 30.14 12.68 -39.31
CA LEU B 72 30.22 12.10 -40.66
C LEU B 72 29.84 13.15 -41.72
N LYS B 73 28.69 13.80 -41.55
CA LYS B 73 28.31 14.83 -42.52
C LYS B 73 29.51 15.74 -42.80
N HIS B 74 30.29 16.02 -41.76
CA HIS B 74 31.48 16.87 -41.83
C HIS B 74 32.62 16.28 -42.69
N HIS B 75 33.15 15.11 -42.35
CA HIS B 75 34.22 14.47 -43.12
C HIS B 75 33.80 14.23 -44.56
N VAL B 76 32.50 14.08 -44.77
CA VAL B 76 32.01 13.86 -46.11
C VAL B 76 32.13 15.15 -46.92
N SER B 77 31.70 16.27 -46.35
CA SER B 77 31.79 17.52 -47.09
C SER B 77 33.24 17.99 -47.32
N LEU B 78 34.21 17.37 -46.66
CA LEU B 78 35.61 17.74 -46.84
C LEU B 78 36.22 16.61 -47.63
N LYS B 79 35.40 15.63 -47.96
CA LYS B 79 35.86 14.47 -48.72
C LYS B 79 37.04 13.71 -48.08
N GLN B 80 37.06 13.63 -46.76
CA GLN B 80 38.13 12.90 -46.06
C GLN B 80 37.59 11.50 -45.87
N TRP B 81 37.38 10.83 -46.99
CA TRP B 81 36.81 9.49 -47.03
C TRP B 81 37.40 8.44 -46.10
N LYS B 82 38.66 8.59 -45.75
CA LYS B 82 39.26 7.61 -44.86
C LYS B 82 38.70 7.79 -43.47
N GLN B 83 38.38 9.03 -43.08
CA GLN B 83 37.81 9.26 -41.77
C GLN B 83 36.34 8.93 -41.72
N VAL B 84 35.66 9.01 -42.86
CA VAL B 84 34.25 8.66 -42.90
C VAL B 84 34.11 7.18 -42.52
N TYR B 85 34.95 6.31 -43.07
CA TYR B 85 34.87 4.89 -42.75
C TYR B 85 35.25 4.55 -41.31
N GLU B 86 36.24 5.22 -40.77
CA GLU B 86 36.62 4.98 -39.38
C GLU B 86 35.40 5.31 -38.52
N THR B 87 34.76 6.43 -38.85
CA THR B 87 33.60 6.86 -38.08
C THR B 87 32.47 5.86 -38.25
N PHE B 88 32.17 5.44 -39.47
CA PHE B 88 31.10 4.47 -39.67
C PHE B 88 31.42 3.20 -38.98
N ASP B 89 32.65 2.75 -39.05
CA ASP B 89 32.96 1.52 -38.36
C ASP B 89 32.81 1.54 -36.83
N LYS B 90 33.09 2.66 -36.19
CA LYS B 90 32.92 2.75 -34.76
C LYS B 90 31.44 2.55 -34.47
N LEU B 91 30.58 3.12 -35.34
CA LEU B 91 29.12 3.00 -35.23
C LEU B 91 28.71 1.58 -35.45
N HIS B 92 29.37 0.92 -36.39
CA HIS B 92 29.08 -0.47 -36.68
C HIS B 92 29.60 -1.30 -35.54
N ASP B 93 30.72 -0.91 -34.94
CA ASP B 93 31.23 -1.74 -33.87
C ASP B 93 30.24 -1.77 -32.77
N ARG B 94 29.84 -0.61 -32.30
CA ARG B 94 28.86 -0.52 -31.22
C ARG B 94 27.43 -1.00 -31.57
N PHE B 95 26.91 -0.56 -32.70
CA PHE B 95 25.59 -0.96 -33.12
C PHE B 95 25.53 -1.86 -34.34
N PRO B 96 25.92 -3.14 -34.22
CA PRO B 96 25.92 -4.13 -35.29
C PRO B 96 24.59 -4.30 -36.00
N LEU B 97 23.50 -4.35 -35.23
CA LEU B 97 22.21 -4.55 -35.83
C LEU B 97 21.37 -3.31 -36.14
N MET B 98 21.96 -2.11 -36.10
CA MET B 98 21.22 -0.89 -36.44
C MET B 98 21.18 -0.91 -37.95
N ALA B 99 20.36 -1.80 -38.50
CA ALA B 99 20.28 -1.97 -39.94
C ALA B 99 20.32 -0.68 -40.73
N ASN B 100 19.54 0.30 -40.28
CA ASN B 100 19.45 1.58 -40.97
C ASN B 100 20.73 2.40 -41.02
N ILE B 101 21.76 2.00 -40.27
CA ILE B 101 23.02 2.73 -40.32
C ILE B 101 23.84 2.15 -41.45
N TRP B 102 23.62 0.88 -41.74
CA TRP B 102 24.34 0.25 -42.84
C TRP B 102 23.70 0.88 -44.05
N CYS B 103 22.44 1.21 -43.96
CA CYS B 103 21.80 1.81 -45.12
C CYS B 103 22.42 3.15 -45.46
N MET B 104 22.53 4.04 -44.48
CA MET B 104 23.12 5.37 -44.69
C MET B 104 24.48 5.28 -45.36
N ARG B 105 25.24 4.22 -45.04
CA ARG B 105 26.59 3.98 -45.56
C ARG B 105 26.64 3.40 -46.97
N LEU B 106 25.77 2.44 -47.31
CA LEU B 106 25.73 1.89 -48.67
C LEU B 106 25.20 3.03 -49.52
N SER B 107 24.13 3.68 -49.07
CA SER B 107 23.60 4.80 -49.83
C SER B 107 24.76 5.71 -50.23
N LEU B 108 25.45 6.29 -49.27
CA LEU B 108 26.58 7.16 -49.56
C LEU B 108 27.40 6.72 -50.76
N GLU B 109 27.77 5.43 -50.86
CA GLU B 109 28.56 4.94 -51.99
C GLU B 109 27.76 5.06 -53.28
N PHE B 110 26.57 4.47 -53.31
CA PHE B 110 25.73 4.50 -54.51
C PHE B 110 25.59 5.90 -55.16
N ASP B 111 25.83 6.96 -54.39
CA ASP B 111 25.71 8.33 -54.90
C ASP B 111 26.97 8.90 -55.52
N LYS B 112 27.94 8.02 -55.76
CA LYS B 112 29.20 8.36 -56.42
C LYS B 112 29.12 7.90 -57.90
N MET B 113 27.87 7.81 -58.37
CA MET B 113 27.46 7.43 -59.72
C MET B 113 28.09 6.23 -60.41
N GLU B 114 28.96 6.51 -61.38
CA GLU B 114 29.61 5.46 -62.14
C GLU B 114 30.52 4.65 -61.23
N GLU B 115 31.05 5.33 -60.24
CA GLU B 115 31.95 4.72 -59.30
C GLU B 115 31.34 3.72 -58.31
N LEU B 116 30.61 2.72 -58.81
CA LEU B 116 30.04 1.70 -57.91
C LEU B 116 31.17 0.69 -57.73
N ASP B 117 32.12 1.07 -56.88
CA ASP B 117 33.31 0.30 -56.59
C ASP B 117 33.08 -0.94 -55.76
N ALA B 118 33.13 -2.08 -56.43
CA ALA B 118 32.93 -3.35 -55.77
C ALA B 118 34.04 -3.69 -54.78
N ALA B 119 34.97 -2.77 -54.58
CA ALA B 119 36.08 -3.01 -53.67
C ALA B 119 35.72 -2.43 -52.34
N VAL B 120 34.87 -1.42 -52.39
CA VAL B 120 34.41 -0.74 -51.18
C VAL B 120 33.12 -1.40 -50.76
N ILE B 121 32.18 -1.44 -51.71
CA ILE B 121 30.88 -1.97 -51.45
C ILE B 121 30.78 -3.41 -50.97
N GLU B 122 31.26 -4.37 -51.72
CA GLU B 122 31.13 -5.76 -51.30
C GLU B 122 31.56 -6.07 -49.87
N PRO B 123 32.78 -5.69 -49.46
CA PRO B 123 33.18 -5.98 -48.07
C PRO B 123 32.21 -5.41 -47.01
N VAL B 124 31.48 -4.35 -47.37
CA VAL B 124 30.48 -3.76 -46.49
C VAL B 124 29.32 -4.74 -46.36
N LEU B 125 28.63 -5.00 -47.48
CA LEU B 125 27.53 -5.97 -47.54
C LEU B 125 27.98 -7.27 -46.86
N ALA B 126 29.07 -7.83 -47.33
CA ALA B 126 29.60 -9.05 -46.73
C ALA B 126 29.66 -9.02 -45.19
N ARG B 127 30.01 -7.86 -44.61
CA ARG B 127 30.09 -7.75 -43.17
C ARG B 127 28.69 -7.54 -42.52
N CYS B 128 27.87 -6.70 -43.14
CA CYS B 128 26.56 -6.47 -42.57
C CYS B 128 25.45 -7.36 -43.07
N LEU B 129 25.78 -8.49 -43.69
CA LEU B 129 24.75 -9.43 -44.13
C LEU B 129 25.22 -10.84 -43.80
N SER B 130 26.28 -10.93 -43.00
CA SER B 130 26.88 -12.19 -42.61
C SER B 130 25.93 -13.20 -41.99
N LYS B 131 26.47 -14.07 -41.13
CA LYS B 131 25.68 -15.10 -40.47
C LYS B 131 25.26 -14.76 -39.04
N GLU B 132 26.21 -14.37 -38.20
CA GLU B 132 25.90 -14.03 -36.80
C GLU B 132 25.20 -12.67 -36.67
N LEU B 133 25.94 -11.59 -36.94
CA LEU B 133 25.42 -10.22 -36.87
C LEU B 133 24.84 -9.86 -38.22
N GLY B 134 24.10 -10.80 -38.81
CA GLY B 134 23.47 -10.60 -40.09
C GLY B 134 22.16 -9.86 -39.94
N ASN B 135 22.09 -8.73 -40.61
CA ASN B 135 20.93 -7.87 -40.56
C ASN B 135 19.88 -8.23 -41.53
N ASN B 136 18.68 -8.30 -40.99
CA ASN B 136 17.52 -8.65 -41.75
C ASN B 136 16.45 -7.51 -41.64
N ASP B 137 16.58 -6.53 -42.51
CA ASP B 137 15.67 -5.40 -42.54
C ASP B 137 15.38 -5.22 -44.02
N LEU B 138 14.14 -4.90 -44.37
CA LEU B 138 13.80 -4.75 -45.77
C LEU B 138 14.47 -3.57 -46.48
N SER B 139 14.66 -2.45 -45.77
CA SER B 139 15.31 -1.26 -46.36
C SER B 139 16.76 -1.59 -46.77
N LEU B 140 17.43 -2.40 -45.96
CA LEU B 140 18.78 -2.80 -46.29
C LEU B 140 18.76 -3.76 -47.49
N TRP B 141 17.83 -4.69 -47.55
CA TRP B 141 17.78 -5.61 -48.68
C TRP B 141 17.45 -4.88 -49.98
N LEU B 142 16.71 -3.77 -49.89
CA LEU B 142 16.40 -3.00 -51.10
C LEU B 142 17.63 -2.29 -51.58
N SER B 143 18.61 -2.15 -50.70
CA SER B 143 19.87 -1.54 -51.08
C SER B 143 20.65 -2.67 -51.74
N TYR B 144 20.72 -3.82 -51.08
CA TYR B 144 21.40 -4.99 -51.60
C TYR B 144 20.93 -5.39 -52.99
N ILE B 145 19.64 -5.27 -53.22
CA ILE B 145 19.14 -5.62 -54.55
C ILE B 145 19.57 -4.57 -55.54
N THR B 146 19.40 -3.30 -55.16
CA THR B 146 19.81 -2.21 -56.03
C THR B 146 21.25 -2.40 -56.55
N TYR B 147 22.15 -2.77 -55.66
CA TYR B 147 23.51 -2.99 -56.06
C TYR B 147 23.53 -4.16 -57.02
N VAL B 148 23.04 -5.33 -56.57
CA VAL B 148 23.04 -6.53 -57.41
C VAL B 148 22.41 -6.27 -58.79
N ARG B 149 21.52 -5.29 -58.91
CA ARG B 149 20.95 -4.99 -60.23
C ARG B 149 21.89 -4.11 -61.07
N LYS B 150 22.67 -3.24 -60.42
CA LYS B 150 23.64 -2.40 -61.14
C LYS B 150 24.88 -3.20 -61.55
N LYS B 151 25.16 -4.34 -60.91
CA LYS B 151 26.33 -5.14 -61.27
C LYS B 151 25.99 -6.39 -62.08
N ASN B 152 24.74 -6.51 -62.51
CA ASN B 152 24.29 -7.67 -63.31
C ASN B 152 23.27 -7.19 -64.29
N ASP B 153 23.72 -6.42 -65.29
CA ASP B 153 22.79 -5.87 -66.28
C ASP B 153 22.06 -6.95 -67.05
N ILE B 154 20.76 -6.73 -67.20
CA ILE B 154 19.83 -7.63 -67.91
C ILE B 154 20.17 -7.82 -69.42
N ILE B 155 20.74 -6.78 -70.02
CA ILE B 155 21.13 -6.76 -71.42
C ILE B 155 22.36 -7.63 -71.74
N THR B 156 23.54 -7.07 -71.51
CA THR B 156 24.82 -7.73 -71.79
C THR B 156 25.13 -9.02 -71.01
N GLY B 157 24.41 -9.27 -69.93
CA GLY B 157 24.63 -10.47 -69.15
C GLY B 157 23.80 -11.61 -69.69
N GLY B 158 22.53 -11.33 -70.00
CA GLY B 158 21.63 -12.33 -70.53
C GLY B 158 21.17 -13.43 -69.58
N GLU B 159 21.82 -14.60 -69.69
CA GLU B 159 21.51 -15.80 -68.90
C GLU B 159 21.60 -15.59 -67.40
N GLU B 160 22.77 -15.91 -66.85
CA GLU B 160 23.01 -15.76 -65.44
C GLU B 160 22.75 -14.31 -65.03
N ALA B 161 22.54 -13.43 -66.00
CA ALA B 161 22.26 -12.02 -65.71
C ALA B 161 20.94 -11.90 -64.94
N ARG B 162 19.86 -11.77 -65.70
CA ARG B 162 18.55 -11.67 -65.07
C ARG B 162 18.25 -12.92 -64.26
N ASN B 163 19.18 -13.88 -64.27
CA ASN B 163 18.99 -15.12 -63.53
C ASN B 163 19.62 -15.09 -62.14
N ILE B 164 20.44 -14.08 -61.90
CA ILE B 164 21.12 -13.86 -60.62
C ILE B 164 20.30 -12.80 -59.92
N VAL B 165 19.72 -11.88 -60.69
CA VAL B 165 18.87 -10.82 -60.14
C VAL B 165 17.65 -11.48 -59.47
N ILE B 166 17.10 -12.50 -60.12
CA ILE B 166 15.97 -13.20 -59.56
C ILE B 166 16.39 -13.85 -58.26
N GLN B 167 17.54 -14.52 -58.24
CA GLN B 167 18.04 -15.18 -57.02
C GLN B 167 18.10 -14.22 -55.84
N ALA B 168 18.58 -13.01 -56.10
CA ALA B 168 18.69 -11.96 -55.09
C ALA B 168 17.29 -11.59 -54.60
N PHE B 169 16.37 -11.29 -55.52
CA PHE B 169 15.02 -10.97 -55.11
C PHE B 169 14.46 -12.13 -54.29
N GLN B 170 14.81 -13.35 -54.66
CA GLN B 170 14.30 -14.50 -53.97
C GLN B 170 14.84 -14.66 -52.56
N VAL B 171 16.10 -14.28 -52.31
CA VAL B 171 16.59 -14.44 -50.95
C VAL B 171 15.96 -13.39 -50.06
N VAL B 172 15.68 -12.23 -50.62
CA VAL B 172 15.02 -11.18 -49.84
C VAL B 172 13.61 -11.66 -49.50
N VAL B 173 13.04 -12.50 -50.36
CA VAL B 173 11.71 -13.04 -50.12
C VAL B 173 11.73 -14.09 -49.00
N ASP B 174 12.71 -15.00 -49.00
CA ASP B 174 12.75 -16.03 -47.96
C ASP B 174 13.27 -15.58 -46.64
N LYS B 175 14.17 -14.60 -46.65
CA LYS B 175 14.77 -14.12 -45.40
C LYS B 175 13.92 -13.12 -44.63
N CYS B 176 13.24 -12.22 -45.36
CA CYS B 176 12.46 -11.16 -44.73
C CYS B 176 11.13 -10.73 -45.34
N ALA B 177 11.04 -10.60 -46.65
CA ALA B 177 9.78 -10.16 -47.26
C ALA B 177 8.51 -10.82 -46.75
N ILE B 178 8.56 -12.12 -46.52
CA ILE B 178 7.40 -12.85 -46.03
C ILE B 178 7.17 -12.81 -44.53
N PHE B 179 7.97 -12.03 -43.80
CA PHE B 179 7.77 -11.90 -42.37
C PHE B 179 7.29 -10.48 -42.09
N GLU B 180 7.51 -9.56 -43.03
CA GLU B 180 7.13 -8.18 -42.78
C GLU B 180 5.82 -7.80 -43.43
N PRO B 181 4.82 -7.43 -42.64
CA PRO B 181 3.59 -7.07 -43.33
C PRO B 181 3.58 -5.75 -44.08
N LYS B 182 4.40 -4.77 -43.70
CA LYS B 182 4.43 -3.51 -44.45
C LYS B 182 5.51 -3.61 -45.52
N SER B 183 5.48 -4.75 -46.21
CA SER B 183 6.42 -5.07 -47.26
C SER B 183 5.95 -4.78 -48.68
N ILE B 184 4.71 -4.39 -48.87
CA ILE B 184 4.19 -4.17 -50.21
C ILE B 184 5.11 -3.55 -51.25
N GLN B 185 5.85 -2.51 -50.84
CA GLN B 185 6.77 -1.82 -51.72
C GLN B 185 7.76 -2.77 -52.43
N PHE B 186 8.21 -3.79 -51.71
CA PHE B 186 9.16 -4.77 -52.23
C PHE B 186 8.46 -5.74 -53.16
N TRP B 187 7.37 -6.34 -52.72
CA TRP B 187 6.63 -7.26 -53.55
C TRP B 187 6.38 -6.67 -54.94
N ASN B 188 6.13 -5.36 -55.02
CA ASN B 188 5.92 -4.65 -56.32
C ASN B 188 7.18 -4.70 -57.13
N GLU B 189 8.25 -4.20 -56.53
CA GLU B 189 9.53 -4.19 -57.19
C GLU B 189 9.78 -5.57 -57.85
N TYR B 190 9.80 -6.64 -57.07
CA TYR B 190 10.05 -7.99 -57.60
C TYR B 190 9.13 -8.30 -58.75
N LEU B 191 7.87 -7.87 -58.63
CA LEU B 191 6.83 -8.09 -59.65
C LEU B 191 7.14 -7.42 -60.99
N HIS B 192 7.28 -6.11 -60.96
CA HIS B 192 7.59 -5.38 -62.16
C HIS B 192 8.81 -5.97 -62.90
N PHE B 193 9.79 -6.49 -62.16
CA PHE B 193 10.98 -7.09 -62.78
C PHE B 193 10.69 -8.40 -63.48
N LEU B 194 9.61 -9.08 -63.06
CA LEU B 194 9.20 -10.36 -63.64
C LEU B 194 8.26 -10.15 -64.80
N GLU B 195 7.39 -9.15 -64.67
CA GLU B 195 6.45 -8.81 -65.72
C GLU B 195 7.14 -8.16 -66.93
N HIS B 196 7.74 -7.00 -66.72
CA HIS B 196 8.46 -6.30 -67.77
C HIS B 196 9.55 -7.14 -68.48
N TRP B 197 9.50 -8.47 -68.32
CA TRP B 197 10.48 -9.38 -68.92
C TRP B 197 9.97 -10.26 -70.05
N LYS B 198 10.41 -9.94 -71.27
CA LYS B 198 10.01 -10.68 -72.47
C LYS B 198 10.95 -11.86 -72.70
N PRO B 199 10.38 -13.08 -72.76
CA PRO B 199 11.12 -14.33 -72.98
C PRO B 199 11.65 -14.44 -74.40
N VAL B 200 12.96 -14.67 -74.51
CA VAL B 200 13.61 -14.81 -75.81
C VAL B 200 12.98 -15.96 -76.60
N ASN B 201 12.66 -17.06 -75.91
CA ASN B 201 12.08 -18.22 -76.55
C ASN B 201 10.87 -18.83 -75.85
N LYS B 202 11.00 -20.10 -75.41
CA LYS B 202 9.89 -20.80 -74.74
C LYS B 202 10.29 -21.52 -73.44
N PHE B 203 11.57 -21.87 -73.29
CA PHE B 203 12.05 -22.52 -72.06
C PHE B 203 12.09 -21.37 -71.07
N GLU B 204 11.90 -20.17 -71.62
CA GLU B 204 11.87 -18.95 -70.85
C GLU B 204 10.42 -18.53 -70.68
N GLU B 205 9.70 -18.47 -71.79
CA GLU B 205 8.28 -18.12 -71.81
C GLU B 205 7.56 -18.80 -70.64
N GLN B 206 8.03 -20.02 -70.38
CA GLN B 206 7.50 -20.88 -69.33
C GLN B 206 7.97 -20.49 -67.94
N GLN B 207 9.28 -20.59 -67.69
CA GLN B 207 9.84 -20.26 -66.39
C GLN B 207 9.39 -18.87 -65.90
N ARG B 208 9.07 -17.98 -66.82
CA ARG B 208 8.61 -16.65 -66.46
C ARG B 208 7.25 -16.69 -65.76
N VAL B 209 6.39 -17.62 -66.15
CA VAL B 209 5.07 -17.72 -65.52
C VAL B 209 5.14 -18.73 -64.40
N GLN B 210 6.17 -19.56 -64.46
CA GLN B 210 6.39 -20.54 -63.39
C GLN B 210 6.74 -19.64 -62.16
N TYR B 211 7.59 -18.63 -62.40
CA TYR B 211 8.01 -17.67 -61.38
C TYR B 211 6.92 -16.65 -60.96
N ILE B 212 6.29 -15.97 -61.92
CA ILE B 212 5.23 -14.99 -61.60
C ILE B 212 4.12 -15.66 -60.81
N ARG B 213 4.06 -16.99 -60.90
CA ARG B 213 3.08 -17.77 -60.17
C ARG B 213 3.62 -17.91 -58.76
N LYS B 214 4.69 -18.68 -58.62
CA LYS B 214 5.38 -18.91 -57.35
C LYS B 214 5.46 -17.64 -56.49
N LEU B 215 5.50 -16.47 -57.16
CA LEU B 215 5.56 -15.15 -56.48
C LEU B 215 4.22 -14.86 -55.82
N TYR B 216 3.22 -14.61 -56.67
CA TYR B 216 1.87 -14.32 -56.25
C TYR B 216 1.38 -15.30 -55.19
N LYS B 217 1.67 -16.59 -55.38
CA LYS B 217 1.25 -17.60 -54.41
C LYS B 217 1.87 -17.28 -53.09
N THR B 218 3.19 -17.14 -53.07
CA THR B 218 3.92 -16.80 -51.85
C THR B 218 3.42 -15.55 -51.11
N LEU B 219 3.19 -14.47 -51.85
CA LEU B 219 2.75 -13.26 -51.20
C LEU B 219 1.37 -13.34 -50.56
N LEU B 220 0.36 -13.72 -51.33
CA LEU B 220 -1.02 -13.80 -50.84
C LEU B 220 -1.24 -14.65 -49.60
N CYS B 221 -0.27 -15.46 -49.22
CA CYS B 221 -0.38 -16.32 -48.03
C CYS B 221 0.12 -15.78 -46.70
N GLN B 222 0.45 -14.49 -46.63
CA GLN B 222 0.98 -13.92 -45.41
C GLN B 222 0.32 -12.58 -45.13
N PRO B 223 0.25 -12.17 -43.87
CA PRO B 223 -0.38 -10.90 -43.52
C PRO B 223 0.27 -9.73 -44.25
N MET B 224 -0.50 -8.89 -44.95
CA MET B 224 0.09 -7.77 -45.71
C MET B 224 -0.79 -6.57 -45.94
N ASP B 225 -0.15 -5.41 -46.13
CA ASP B 225 -0.85 -4.16 -46.33
C ASP B 225 -1.48 -3.98 -47.71
N CYS B 226 -1.47 -5.01 -48.53
CA CYS B 226 -2.09 -4.85 -49.83
C CYS B 226 -2.49 -6.18 -50.43
N LEU B 227 -3.08 -7.02 -49.58
CA LEU B 227 -3.53 -8.31 -50.04
C LEU B 227 -4.75 -8.18 -50.90
N GLU B 228 -5.65 -7.27 -50.54
CA GLU B 228 -6.86 -7.03 -51.31
C GLU B 228 -6.55 -6.79 -52.78
N SER B 229 -5.83 -5.72 -53.04
CA SER B 229 -5.45 -5.35 -54.39
C SER B 229 -4.59 -6.39 -55.13
N MET B 230 -3.69 -7.03 -54.39
CA MET B 230 -2.80 -8.03 -54.95
C MET B 230 -3.52 -9.29 -55.36
N TRP B 231 -4.74 -9.45 -54.86
CA TRP B 231 -5.54 -10.63 -55.20
C TRP B 231 -6.26 -10.24 -56.48
N GLN B 232 -6.95 -9.11 -56.41
CA GLN B 232 -7.65 -8.59 -57.56
C GLN B 232 -6.73 -8.77 -58.77
N ARG B 233 -5.45 -8.46 -58.58
CA ARG B 233 -4.45 -8.58 -59.63
C ARG B 233 -4.18 -10.02 -60.06
N TYR B 234 -3.87 -10.88 -59.11
CA TYR B 234 -3.57 -12.29 -59.39
C TYR B 234 -4.69 -13.04 -60.09
N THR B 235 -5.94 -12.59 -59.91
CA THR B 235 -7.10 -13.23 -60.55
C THR B 235 -6.99 -13.02 -62.05
N GLN B 236 -7.12 -11.75 -62.43
CA GLN B 236 -7.04 -11.37 -63.81
C GLN B 236 -5.84 -12.03 -64.44
N TRP B 237 -4.71 -12.04 -63.72
CA TRP B 237 -3.47 -12.63 -64.24
C TRP B 237 -3.64 -14.07 -64.70
N GLU B 238 -4.19 -14.94 -63.83
CA GLU B 238 -4.35 -16.35 -64.19
C GLU B 238 -5.21 -16.61 -65.43
N GLN B 239 -6.22 -15.75 -65.66
CA GLN B 239 -7.10 -15.87 -66.83
C GLN B 239 -6.33 -15.61 -68.14
N ASP B 240 -5.77 -14.41 -68.26
CA ASP B 240 -5.01 -14.01 -69.42
C ASP B 240 -3.68 -14.75 -69.53
N VAL B 241 -3.70 -16.02 -69.13
CA VAL B 241 -2.55 -16.92 -69.16
C VAL B 241 -2.97 -18.37 -69.41
N ASN B 242 -4.28 -18.62 -69.32
CA ASN B 242 -4.88 -19.96 -69.49
C ASN B 242 -6.20 -19.95 -68.70
N GLN B 243 -7.16 -19.06 -69.01
CA GLN B 243 -8.42 -18.99 -68.21
C GLN B 243 -9.31 -20.23 -68.22
N LEU B 244 -8.68 -21.35 -68.56
CA LEU B 244 -9.31 -22.69 -68.59
C LEU B 244 -9.16 -23.28 -67.17
N THR B 245 -8.15 -22.77 -66.46
CA THR B 245 -7.82 -23.17 -65.10
C THR B 245 -7.47 -21.96 -64.19
N ALA B 246 -8.26 -20.90 -64.30
CA ALA B 246 -8.05 -19.72 -63.46
C ALA B 246 -8.84 -20.04 -62.20
N ARG B 247 -9.96 -20.73 -62.38
CA ARG B 247 -10.84 -21.13 -61.29
C ARG B 247 -10.30 -22.26 -60.44
N ARG B 248 -9.99 -23.41 -61.05
CA ARG B 248 -9.50 -24.58 -60.31
C ARG B 248 -8.24 -24.35 -59.48
N HIS B 249 -7.51 -23.26 -59.74
CA HIS B 249 -6.31 -22.93 -58.95
C HIS B 249 -6.72 -21.96 -57.85
N ILE B 250 -7.04 -20.74 -58.25
CA ILE B 250 -7.44 -19.71 -57.31
C ILE B 250 -8.30 -20.23 -56.17
N GLY B 251 -8.90 -21.40 -56.34
CA GLY B 251 -9.71 -21.96 -55.28
C GLY B 251 -8.83 -22.23 -54.06
N GLU B 252 -7.81 -23.06 -54.26
CA GLU B 252 -6.85 -23.45 -53.21
C GLU B 252 -6.41 -22.23 -52.40
N LEU B 253 -5.66 -21.34 -53.06
CA LEU B 253 -5.19 -20.11 -52.45
C LEU B 253 -6.28 -19.39 -51.68
N SER B 254 -7.40 -19.17 -52.36
CA SER B 254 -8.55 -18.47 -51.75
C SER B 254 -8.74 -18.77 -50.27
N ALA B 255 -8.25 -19.92 -49.80
CA ALA B 255 -8.33 -20.34 -48.40
C ALA B 255 -7.39 -19.56 -47.49
N GLN B 256 -6.09 -19.57 -47.80
CA GLN B 256 -5.08 -18.84 -46.99
C GLN B 256 -5.08 -17.34 -47.28
N TYR B 257 -5.58 -16.95 -48.44
CA TYR B 257 -5.68 -15.55 -48.78
C TYR B 257 -6.64 -14.95 -47.76
N MET B 258 -7.78 -15.60 -47.58
CA MET B 258 -8.75 -15.13 -46.61
C MET B 258 -8.06 -15.14 -45.25
N ASN B 259 -7.60 -16.31 -44.83
CA ASN B 259 -6.89 -16.46 -43.58
C ASN B 259 -5.91 -15.35 -43.32
N ALA B 260 -5.19 -14.95 -44.35
CA ALA B 260 -4.24 -13.85 -44.19
C ALA B 260 -4.99 -12.50 -44.09
N ARG B 261 -5.81 -12.17 -45.09
CA ARG B 261 -6.55 -10.90 -45.13
C ARG B 261 -7.06 -10.49 -43.74
N SER B 262 -7.39 -11.48 -42.90
CA SER B 262 -7.91 -11.20 -41.55
C SER B 262 -6.83 -11.24 -40.49
N LEU B 263 -5.74 -11.99 -40.74
CA LEU B 263 -4.63 -12.07 -39.79
C LEU B 263 -3.93 -10.73 -39.87
N TYR B 264 -4.05 -10.10 -41.03
CA TYR B 264 -3.47 -8.79 -41.20
C TYR B 264 -4.35 -7.82 -40.43
N GLN B 265 -5.62 -8.13 -40.22
CA GLN B 265 -6.51 -7.23 -39.46
C GLN B 265 -6.19 -7.12 -37.97
N ASP B 266 -5.69 -8.20 -37.38
CA ASP B 266 -5.30 -8.24 -35.97
C ASP B 266 -4.02 -7.45 -35.90
N TRP B 267 -3.07 -7.87 -36.74
CA TRP B 267 -1.81 -7.20 -36.80
C TRP B 267 -2.12 -5.71 -36.83
N LEU B 268 -2.79 -5.23 -37.89
CA LEU B 268 -3.09 -3.80 -38.05
C LEU B 268 -3.62 -3.11 -36.81
N ASN B 269 -4.23 -3.90 -35.92
CA ASN B 269 -4.79 -3.37 -34.66
C ASN B 269 -3.79 -3.26 -33.54
N ILE B 270 -2.99 -4.31 -33.39
CA ILE B 270 -1.95 -4.33 -32.38
C ILE B 270 -0.90 -3.25 -32.71
N THR B 271 -0.60 -3.10 -34.00
CA THR B 271 0.33 -2.11 -34.48
C THR B 271 -0.28 -0.71 -34.36
N LYS B 272 -1.32 -0.46 -35.15
CA LYS B 272 -2.03 0.81 -35.07
C LYS B 272 -1.10 2.02 -34.95
N GLY B 273 -0.47 2.18 -33.78
CA GLY B 273 0.39 3.32 -33.57
C GLY B 273 1.88 3.08 -33.58
N LEU B 274 2.32 2.09 -34.33
CA LEU B 274 3.75 1.77 -34.44
C LEU B 274 4.54 2.88 -35.18
N LYS B 275 5.75 3.18 -34.72
CA LYS B 275 6.52 4.20 -35.37
C LYS B 275 7.76 3.51 -35.88
N ARG B 276 8.07 3.75 -37.15
CA ARG B 276 9.30 3.22 -37.76
C ARG B 276 9.81 4.27 -38.77
N ASN B 277 10.55 5.26 -38.25
CA ASN B 277 11.09 6.39 -39.03
C ASN B 277 12.55 6.68 -38.92
N LEU B 278 13.38 5.68 -38.76
CA LEU B 278 14.81 5.94 -38.63
C LEU B 278 15.20 6.49 -39.98
N PRO B 279 16.28 7.26 -40.07
CA PRO B 279 16.67 7.80 -41.37
C PRO B 279 17.55 6.77 -42.03
N ILE B 280 17.41 6.58 -43.34
CA ILE B 280 18.24 5.58 -44.03
C ILE B 280 19.22 6.19 -45.04
N THR B 281 19.44 7.48 -44.88
CA THR B 281 20.34 8.30 -45.68
C THR B 281 20.96 9.26 -44.71
N LEU B 282 22.17 9.72 -45.00
CA LEU B 282 22.83 10.63 -44.06
C LEU B 282 22.18 11.98 -43.89
N ASN B 283 21.53 12.47 -44.93
CA ASN B 283 20.93 13.78 -44.89
C ASN B 283 19.54 13.84 -44.30
N GLN B 284 18.94 12.67 -44.08
CA GLN B 284 17.60 12.60 -43.49
C GLN B 284 17.69 12.49 -41.97
N ALA B 285 18.91 12.33 -41.46
CA ALA B 285 19.09 12.21 -40.04
C ALA B 285 18.99 13.59 -39.35
N THR B 286 17.99 13.73 -38.49
CA THR B 286 17.80 14.96 -37.73
C THR B 286 17.80 14.56 -36.28
N GLU B 287 18.15 15.49 -35.41
CA GLU B 287 18.18 15.23 -33.99
C GLU B 287 16.89 14.63 -33.44
N SER B 288 15.80 14.84 -34.17
CA SER B 288 14.50 14.37 -33.76
C SER B 288 14.10 12.93 -34.12
N ASN B 289 14.74 12.33 -35.14
CA ASN B 289 14.42 10.94 -35.56
C ASN B 289 15.51 9.89 -35.28
N LEU B 290 16.31 10.16 -34.26
CA LEU B 290 17.36 9.27 -33.82
C LEU B 290 17.25 9.34 -32.28
N PRO B 291 17.24 8.19 -31.62
CA PRO B 291 17.13 8.26 -30.16
C PRO B 291 18.29 8.94 -29.43
N LYS B 292 17.98 9.78 -28.45
CA LYS B 292 19.02 10.41 -27.65
C LYS B 292 19.41 9.29 -26.71
N PRO B 293 20.68 9.25 -26.23
CA PRO B 293 21.12 8.18 -25.33
C PRO B 293 20.06 7.81 -24.30
N ASN B 294 19.84 6.51 -24.10
CA ASN B 294 18.88 5.96 -23.13
C ASN B 294 17.40 6.29 -23.25
N GLU B 295 17.04 6.87 -24.38
CA GLU B 295 15.69 7.31 -24.67
C GLU B 295 14.89 6.24 -25.40
N TYR B 296 13.57 6.31 -25.29
CA TYR B 296 12.70 5.39 -25.98
C TYR B 296 11.25 5.47 -25.53
N ASP B 297 10.36 5.71 -26.48
CA ASP B 297 8.95 5.81 -26.14
C ASP B 297 8.48 4.50 -25.47
N VAL B 298 7.88 4.61 -24.29
CA VAL B 298 7.40 3.42 -23.63
C VAL B 298 6.22 2.83 -24.41
N GLN B 299 5.40 3.73 -24.93
CA GLN B 299 4.21 3.39 -25.69
C GLN B 299 4.65 2.48 -26.81
N GLN B 300 5.73 2.86 -27.46
CA GLN B 300 6.24 2.08 -28.55
C GLN B 300 6.73 0.70 -28.10
N LEU B 301 7.59 0.68 -27.08
CA LEU B 301 8.10 -0.58 -26.54
C LEU B 301 6.94 -1.54 -26.22
N LEU B 302 5.81 -1.01 -25.75
CA LEU B 302 4.70 -1.89 -25.44
C LEU B 302 4.12 -2.42 -26.73
N ILE B 303 3.89 -1.54 -27.71
CA ILE B 303 3.33 -2.02 -28.99
C ILE B 303 4.21 -3.14 -29.58
N TRP B 304 5.53 -3.01 -29.45
CA TRP B 304 6.43 -4.03 -29.99
C TRP B 304 6.34 -5.34 -29.21
N LEU B 305 6.32 -5.26 -27.90
CA LEU B 305 6.26 -6.49 -27.13
C LEU B 305 4.97 -7.22 -27.48
N GLU B 306 3.92 -6.44 -27.74
CA GLU B 306 2.60 -6.94 -28.06
C GLU B 306 2.61 -7.70 -29.35
N TRP B 307 3.15 -7.05 -30.37
CA TRP B 307 3.27 -7.66 -31.67
C TRP B 307 4.09 -8.95 -31.55
N ILE B 308 5.14 -8.97 -30.72
CA ILE B 308 5.97 -10.18 -30.53
C ILE B 308 5.21 -11.32 -29.80
N ARG B 309 4.24 -10.95 -28.95
CA ARG B 309 3.45 -11.93 -28.23
C ARG B 309 2.60 -12.54 -29.32
N TRP B 310 1.86 -11.70 -30.03
CA TRP B 310 1.03 -12.21 -31.10
C TRP B 310 1.81 -13.27 -31.87
N GLU B 311 2.94 -12.88 -32.44
CA GLU B 311 3.78 -13.77 -33.25
C GLU B 311 4.04 -15.10 -32.65
N SER B 312 4.36 -15.11 -31.36
CA SER B 312 4.67 -16.34 -30.63
C SER B 312 3.50 -17.33 -30.51
N ASP B 313 2.27 -16.86 -30.69
CA ASP B 313 1.09 -17.72 -30.63
C ASP B 313 1.16 -18.71 -31.83
N ASN B 314 1.77 -18.24 -32.91
CA ASN B 314 1.95 -18.94 -34.17
C ASN B 314 0.68 -19.12 -34.99
N LYS B 315 -0.13 -18.08 -35.02
CA LYS B 315 -1.35 -18.15 -35.78
C LYS B 315 -1.10 -18.70 -37.19
N LEU B 316 0.05 -18.37 -37.78
CA LEU B 316 0.33 -18.81 -39.16
C LEU B 316 0.40 -20.28 -39.34
N GLU B 317 0.74 -20.97 -38.25
CA GLU B 317 0.85 -22.42 -38.25
C GLU B 317 2.13 -22.93 -38.90
N LEU B 318 3.16 -22.08 -38.97
CA LEU B 318 4.46 -22.44 -39.57
C LEU B 318 5.21 -23.55 -38.84
N SER B 319 6.15 -24.17 -39.57
CA SER B 319 6.95 -25.23 -38.97
C SER B 319 7.77 -24.59 -37.91
N ASP B 320 8.61 -25.39 -37.26
CA ASP B 320 9.44 -24.91 -36.16
C ASP B 320 10.63 -24.04 -36.53
N ASP B 321 10.99 -23.99 -37.79
CA ASP B 321 12.11 -23.14 -38.20
C ASP B 321 11.51 -21.89 -38.82
N LEU B 322 10.40 -22.08 -39.50
CA LEU B 322 9.73 -20.95 -40.09
C LEU B 322 9.15 -20.02 -39.02
N HIS B 323 8.76 -20.55 -37.86
CA HIS B 323 8.20 -19.71 -36.83
C HIS B 323 9.32 -19.10 -36.04
N LYS B 324 10.41 -19.84 -35.92
CA LYS B 324 11.55 -19.33 -35.16
C LYS B 324 12.18 -18.18 -35.93
N ALA B 325 11.95 -18.14 -37.24
CA ALA B 325 12.50 -17.05 -38.05
C ALA B 325 11.62 -15.83 -37.89
N ARG B 326 10.35 -16.02 -38.20
CA ARG B 326 9.34 -14.97 -38.12
C ARG B 326 9.50 -14.22 -36.80
N MET B 327 9.87 -14.96 -35.75
CA MET B 327 10.08 -14.37 -34.43
C MET B 327 11.32 -13.52 -34.44
N THR B 328 12.41 -14.18 -34.80
CA THR B 328 13.68 -13.54 -34.88
C THR B 328 13.63 -12.29 -35.75
N TYR B 329 12.79 -12.30 -36.77
CA TYR B 329 12.71 -11.11 -37.61
C TYR B 329 12.15 -9.98 -36.76
N VAL B 330 10.94 -10.16 -36.27
CA VAL B 330 10.29 -9.15 -35.45
C VAL B 330 11.14 -8.68 -34.29
N TYR B 331 11.89 -9.60 -33.66
CA TYR B 331 12.76 -9.23 -32.54
C TYR B 331 13.84 -8.27 -32.98
N MET B 332 14.39 -8.50 -34.16
CA MET B 332 15.45 -7.63 -34.65
C MET B 332 14.93 -6.26 -35.09
N GLN B 333 13.66 -6.23 -35.48
CA GLN B 333 12.99 -5.00 -35.87
C GLN B 333 12.81 -4.16 -34.61
N ALA B 334 12.45 -4.83 -33.53
CA ALA B 334 12.23 -4.16 -32.29
C ALA B 334 13.50 -3.71 -31.67
N ALA B 335 14.61 -4.43 -31.88
CA ALA B 335 15.88 -4.01 -31.26
C ALA B 335 16.52 -2.87 -31.98
N GLN B 336 15.88 -2.50 -33.07
CA GLN B 336 16.35 -1.41 -33.89
C GLN B 336 15.57 -0.16 -33.58
N HIS B 337 14.26 -0.29 -33.38
CA HIS B 337 13.45 0.87 -33.08
C HIS B 337 13.29 1.35 -31.62
N VAL B 338 13.56 0.47 -30.66
CA VAL B 338 13.55 0.81 -29.23
C VAL B 338 14.84 0.15 -28.69
N CYS B 339 15.96 0.55 -29.27
CA CYS B 339 17.21 -0.08 -28.92
C CYS B 339 17.68 0.22 -27.54
N PHE B 340 17.28 1.33 -26.99
CA PHE B 340 17.78 1.60 -25.66
C PHE B 340 16.87 1.05 -24.58
N ALA B 341 15.92 0.21 -24.96
CA ALA B 341 15.02 -0.33 -23.96
C ALA B 341 15.66 -1.63 -23.61
N PRO B 342 16.16 -1.75 -22.37
CA PRO B 342 16.80 -3.00 -21.96
C PRO B 342 15.85 -4.18 -22.01
N GLU B 343 14.56 -3.96 -21.84
CA GLU B 343 13.63 -5.09 -21.85
C GLU B 343 13.62 -5.86 -23.16
N ILE B 344 13.66 -5.15 -24.27
CA ILE B 344 13.62 -5.81 -25.57
C ILE B 344 14.85 -6.65 -25.76
N TRP B 345 16.02 -6.13 -25.40
CA TRP B 345 17.26 -6.89 -25.54
C TRP B 345 17.25 -8.07 -24.58
N PHE B 346 16.75 -7.80 -23.37
CA PHE B 346 16.64 -8.82 -22.36
C PHE B 346 15.79 -9.95 -22.96
N ASN B 347 14.56 -9.62 -23.39
CA ASN B 347 13.70 -10.66 -23.93
C ASN B 347 14.22 -11.35 -25.17
N MET B 348 14.71 -10.56 -26.13
CA MET B 348 15.22 -11.12 -27.37
C MET B 348 16.20 -12.15 -27.01
N ALA B 349 17.05 -11.78 -26.06
CA ALA B 349 18.11 -12.64 -25.55
C ALA B 349 17.63 -14.00 -25.04
N ASN B 350 16.66 -14.01 -24.13
CA ASN B 350 16.18 -15.27 -23.62
C ASN B 350 15.37 -16.03 -24.67
N TYR B 351 14.78 -15.34 -25.64
CA TYR B 351 14.06 -16.05 -26.67
C TYR B 351 15.01 -16.89 -27.45
N GLN B 352 16.10 -16.28 -27.90
CA GLN B 352 17.10 -16.98 -28.70
C GLN B 352 17.84 -18.05 -27.92
N GLY B 353 17.79 -17.97 -26.60
CA GLY B 353 18.46 -18.96 -25.76
C GLY B 353 17.53 -20.12 -25.45
N GLU B 354 16.30 -19.78 -25.12
CA GLU B 354 15.24 -20.73 -24.81
C GLU B 354 15.24 -21.84 -25.84
N LYS B 355 15.73 -21.53 -27.03
CA LYS B 355 15.75 -22.52 -28.09
C LYS B 355 16.54 -23.78 -27.69
N ASN B 356 17.58 -24.04 -28.47
CA ASN B 356 18.44 -25.20 -28.27
C ASN B 356 19.69 -24.84 -27.49
N THR B 357 20.69 -25.71 -27.62
CA THR B 357 21.97 -25.57 -26.95
C THR B 357 22.73 -24.37 -27.45
N ASP B 358 24.00 -24.32 -27.03
CA ASP B 358 24.97 -23.25 -27.33
C ASP B 358 24.87 -22.22 -26.22
N SER B 359 25.59 -22.48 -25.14
CA SER B 359 25.58 -21.61 -23.97
C SER B 359 25.94 -20.14 -24.24
N THR B 360 26.49 -19.88 -25.41
CA THR B 360 26.86 -18.52 -25.73
C THR B 360 25.75 -17.62 -26.36
N VAL B 361 24.68 -18.21 -26.90
CA VAL B 361 23.63 -17.43 -27.51
C VAL B 361 23.09 -16.34 -26.58
N ILE B 362 22.48 -16.68 -25.45
CA ILE B 362 21.92 -15.66 -24.56
C ILE B 362 22.89 -14.53 -24.28
N THR B 363 24.16 -14.89 -24.10
CA THR B 363 25.22 -13.92 -23.82
C THR B 363 25.52 -12.98 -24.98
N LYS B 364 25.36 -13.48 -26.20
CA LYS B 364 25.64 -12.69 -27.37
C LYS B 364 24.73 -11.51 -27.43
N TYR B 365 23.44 -11.78 -27.22
CA TYR B 365 22.45 -10.73 -27.33
C TYR B 365 22.46 -9.75 -26.17
N LEU B 366 22.71 -10.22 -24.96
CA LEU B 366 22.75 -9.32 -23.80
C LEU B 366 23.89 -8.35 -24.07
N LYS B 367 24.94 -8.90 -24.63
CA LYS B 367 26.12 -8.14 -24.93
C LYS B 367 25.83 -6.98 -25.91
N LEU B 368 25.10 -7.24 -26.98
CA LEU B 368 24.79 -6.19 -27.95
C LEU B 368 23.90 -5.14 -27.30
N GLY B 369 23.02 -5.61 -26.44
CA GLY B 369 22.12 -4.71 -25.76
C GLY B 369 22.91 -3.86 -24.79
N GLN B 370 23.90 -4.45 -24.11
CA GLN B 370 24.68 -3.64 -23.18
C GLN B 370 25.46 -2.60 -23.95
N GLN B 371 25.77 -2.90 -25.20
CA GLN B 371 26.52 -1.97 -26.02
C GLN B 371 25.67 -0.77 -26.40
N CYS B 372 24.36 -0.96 -26.42
CA CYS B 372 23.43 0.12 -26.71
C CYS B 372 23.14 0.93 -25.45
N ILE B 373 23.13 0.25 -24.31
CA ILE B 373 22.84 0.88 -23.03
C ILE B 373 23.88 0.46 -21.98
N PRO B 374 25.11 0.98 -22.08
CA PRO B 374 26.18 0.65 -21.14
C PRO B 374 25.86 0.81 -19.66
N ASN B 375 24.88 1.65 -19.35
CA ASN B 375 24.51 1.89 -17.96
C ASN B 375 23.30 1.07 -17.49
N SER B 376 23.04 -0.07 -18.12
CA SER B 376 21.89 -0.87 -17.72
C SER B 376 22.12 -1.94 -16.68
N ALA B 377 21.55 -1.70 -15.51
CA ALA B 377 21.65 -2.65 -14.43
C ALA B 377 20.94 -3.94 -14.85
N VAL B 378 19.81 -3.81 -15.56
CA VAL B 378 19.14 -5.03 -15.99
C VAL B 378 20.11 -5.89 -16.78
N LEU B 379 20.68 -5.36 -17.87
CA LEU B 379 21.58 -6.13 -18.74
C LEU B 379 22.90 -6.53 -18.06
N ALA B 380 23.46 -5.66 -17.22
CA ALA B 380 24.71 -6.03 -16.58
C ALA B 380 24.52 -7.27 -15.71
N PHE B 381 23.47 -7.31 -14.88
CA PHE B 381 23.21 -8.49 -14.03
C PHE B 381 22.82 -9.71 -14.89
N SER B 382 22.08 -9.50 -15.97
CA SER B 382 21.70 -10.61 -16.86
C SER B 382 22.97 -11.28 -17.44
N LEU B 383 23.95 -10.43 -17.75
CA LEU B 383 25.19 -10.87 -18.33
C LEU B 383 25.95 -11.53 -17.21
N SER B 384 26.29 -10.74 -16.22
CA SER B 384 26.98 -11.23 -15.03
C SER B 384 26.49 -12.66 -14.70
N GLU B 385 25.19 -12.86 -14.76
CA GLU B 385 24.59 -14.14 -14.46
C GLU B 385 24.99 -15.21 -15.48
N GLN B 386 25.02 -14.85 -16.75
CA GLN B 386 25.37 -15.80 -17.82
C GLN B 386 26.82 -16.24 -17.75
N TYR B 387 27.72 -15.28 -17.56
CA TYR B 387 29.13 -15.56 -17.47
C TYR B 387 29.35 -16.54 -16.36
N GLU B 388 28.54 -16.44 -15.31
CA GLU B 388 28.63 -17.32 -14.17
C GLU B 388 28.22 -18.75 -14.57
N LEU B 389 27.17 -18.91 -15.36
CA LEU B 389 26.75 -20.25 -15.78
C LEU B 389 27.78 -20.91 -16.69
N ASN B 390 28.27 -20.17 -17.68
CA ASN B 390 29.28 -20.68 -18.61
C ASN B 390 30.63 -20.53 -17.95
N THR B 391 30.60 -20.40 -16.63
CA THR B 391 31.78 -20.28 -15.78
C THR B 391 33.03 -19.58 -16.33
N LYS B 392 32.95 -18.26 -16.44
CA LYS B 392 34.03 -17.40 -16.88
C LYS B 392 33.97 -16.35 -15.82
N ILE B 393 34.31 -16.76 -14.60
CA ILE B 393 34.22 -15.88 -13.45
C ILE B 393 34.81 -14.48 -13.60
N PRO B 394 35.94 -14.33 -14.29
CA PRO B 394 36.52 -13.01 -14.44
C PRO B 394 35.66 -11.90 -15.10
N GLU B 395 34.80 -12.24 -16.05
CA GLU B 395 33.98 -11.24 -16.70
C GLU B 395 32.86 -10.85 -15.78
N ILE B 396 32.59 -11.66 -14.77
CA ILE B 396 31.51 -11.34 -13.85
C ILE B 396 31.82 -10.00 -13.24
N GLU B 397 33.07 -9.81 -12.86
CA GLU B 397 33.43 -8.56 -12.24
C GLU B 397 33.61 -7.45 -13.22
N THR B 398 34.11 -7.78 -14.41
CA THR B 398 34.33 -6.79 -15.44
C THR B 398 33.07 -6.07 -15.86
N THR B 399 32.08 -6.84 -16.25
CA THR B 399 30.86 -6.27 -16.73
C THR B 399 30.09 -5.43 -15.72
N ILE B 400 30.00 -5.89 -14.50
CA ILE B 400 29.27 -5.12 -13.50
C ILE B 400 29.99 -3.80 -13.31
N LEU B 401 31.31 -3.92 -13.26
CA LEU B 401 32.17 -2.77 -13.05
C LEU B 401 32.05 -1.69 -14.12
N SER B 402 31.87 -2.06 -15.37
CA SER B 402 31.74 -1.03 -16.39
C SER B 402 30.40 -0.33 -16.19
N CYS B 403 29.34 -1.09 -15.92
CA CYS B 403 28.02 -0.53 -15.70
C CYS B 403 28.18 0.59 -14.68
N ILE B 404 28.97 0.28 -13.66
CA ILE B 404 29.28 1.22 -12.59
C ILE B 404 30.04 2.44 -13.12
N ASP B 405 31.02 2.21 -13.96
CA ASP B 405 31.80 3.30 -14.50
C ASP B 405 30.93 4.19 -15.30
N ARG B 406 30.05 3.60 -16.07
CA ARG B 406 29.21 4.42 -16.86
C ARG B 406 28.29 5.25 -15.98
N ILE B 407 27.78 4.66 -14.90
CA ILE B 407 26.86 5.39 -14.03
C ILE B 407 27.54 6.51 -13.28
N HIS B 408 28.79 6.26 -12.96
CA HIS B 408 29.60 7.21 -12.25
C HIS B 408 29.77 8.42 -13.09
N LEU B 409 30.01 8.18 -14.38
CA LEU B 409 30.21 9.23 -15.36
C LEU B 409 28.92 9.97 -15.64
N ASP B 410 27.81 9.25 -15.53
CA ASP B 410 26.50 9.85 -15.76
C ASP B 410 26.19 10.76 -14.62
N LEU B 411 26.51 10.29 -13.41
CA LEU B 411 26.24 11.08 -12.22
C LEU B 411 27.04 12.34 -12.30
N ALA B 412 28.35 12.19 -12.46
CA ALA B 412 29.28 13.30 -12.56
C ALA B 412 28.75 14.35 -13.53
N ALA B 413 28.43 13.93 -14.74
CA ALA B 413 27.91 14.84 -15.76
C ALA B 413 26.64 15.59 -15.38
N LEU B 414 25.81 15.04 -14.50
CA LEU B 414 24.58 15.72 -14.14
C LEU B 414 24.87 16.67 -13.00
N MET B 415 25.73 16.24 -12.10
CA MET B 415 26.10 17.06 -10.97
C MET B 415 26.73 18.33 -11.49
N GLU B 416 27.08 18.34 -12.78
CA GLU B 416 27.66 19.56 -13.32
C GLU B 416 26.79 20.36 -14.29
N ASP B 417 26.14 19.68 -15.22
CA ASP B 417 25.30 20.36 -16.20
C ASP B 417 24.09 21.03 -15.55
N ASP B 418 23.70 20.58 -14.35
CA ASP B 418 22.59 21.17 -13.59
C ASP B 418 22.47 20.58 -12.18
N PRO B 419 23.30 21.10 -11.27
CA PRO B 419 23.35 20.66 -9.89
C PRO B 419 22.19 21.14 -9.03
N THR B 420 21.26 21.85 -9.63
CA THR B 420 20.10 22.37 -8.90
C THR B 420 18.96 21.33 -8.82
N ASN B 421 19.03 20.36 -9.73
CA ASN B 421 18.06 19.28 -9.88
C ASN B 421 18.31 18.18 -8.86
N GLU B 422 18.38 18.55 -7.58
CA GLU B 422 18.65 17.56 -6.55
C GLU B 422 17.85 16.26 -6.55
N SER B 423 16.82 16.13 -7.35
CA SER B 423 16.09 14.87 -7.34
C SER B 423 16.77 13.95 -8.34
N ALA B 424 16.87 14.42 -9.58
CA ALA B 424 17.52 13.64 -10.62
C ALA B 424 18.89 13.26 -10.10
N ILE B 425 19.43 14.02 -9.17
CA ILE B 425 20.73 13.65 -8.65
C ILE B 425 20.62 12.45 -7.75
N ASN B 426 19.74 12.49 -6.75
CA ASN B 426 19.60 11.37 -5.82
C ASN B 426 19.05 10.16 -6.53
N GLN B 427 18.23 10.38 -7.55
CA GLN B 427 17.71 9.25 -8.28
C GLN B 427 18.96 8.46 -8.74
N LEU B 428 19.98 9.15 -9.26
CA LEU B 428 21.22 8.48 -9.70
C LEU B 428 22.07 7.93 -8.58
N LYS B 429 22.41 8.76 -7.59
CA LYS B 429 23.20 8.29 -6.45
C LYS B 429 22.54 7.02 -5.94
N SER B 430 21.23 6.90 -6.10
CA SER B 430 20.61 5.66 -5.67
C SER B 430 20.91 4.52 -6.68
N LYS B 431 20.91 4.83 -7.97
CA LYS B 431 21.23 3.77 -8.91
C LYS B 431 22.68 3.36 -8.73
N LEU B 432 23.54 4.32 -8.48
CA LEU B 432 24.94 3.99 -8.31
C LEU B 432 25.05 2.98 -7.18
N THR B 433 24.59 3.38 -6.00
CA THR B 433 24.65 2.51 -4.82
C THR B 433 23.93 1.18 -5.02
N TYR B 434 22.73 1.21 -5.53
CA TYR B 434 22.06 -0.05 -5.76
C TYR B 434 22.98 -1.04 -6.51
N VAL B 435 23.64 -0.59 -7.56
CA VAL B 435 24.47 -1.54 -8.29
C VAL B 435 25.64 -1.96 -7.45
N TYR B 436 26.22 -1.03 -6.69
CA TYR B 436 27.33 -1.37 -5.79
C TYR B 436 26.89 -2.50 -4.83
N CYS B 437 25.76 -2.33 -4.14
CA CYS B 437 25.26 -3.35 -3.22
C CYS B 437 25.22 -4.69 -3.93
N VAL B 438 24.52 -4.75 -5.05
CA VAL B 438 24.41 -5.99 -5.83
C VAL B 438 25.80 -6.47 -6.22
N TYR B 439 26.68 -5.55 -6.57
CA TYR B 439 28.03 -5.94 -6.91
C TYR B 439 28.69 -6.60 -5.69
N MET B 440 28.55 -5.95 -4.54
CA MET B 440 29.14 -6.43 -3.29
C MET B 440 28.60 -7.79 -2.86
N ASN B 441 27.29 -8.01 -2.97
CA ASN B 441 26.66 -9.29 -2.60
C ASN B 441 27.13 -10.34 -3.56
N THR B 442 27.12 -10.00 -4.84
CA THR B 442 27.54 -10.92 -5.87
C THR B 442 28.99 -11.35 -5.67
N MET B 443 29.89 -10.43 -5.31
CA MET B 443 31.29 -10.80 -5.12
C MET B 443 31.52 -11.53 -3.84
N LYS B 444 30.62 -11.31 -2.89
CA LYS B 444 30.72 -11.94 -1.57
C LYS B 444 30.61 -13.42 -1.65
N ARG B 445 29.58 -13.92 -2.33
CA ARG B 445 29.38 -15.37 -2.42
C ARG B 445 30.15 -15.98 -3.57
N ILE B 446 30.69 -15.13 -4.44
CA ILE B 446 31.48 -15.63 -5.55
C ILE B 446 32.93 -15.66 -5.16
N GLN B 447 33.45 -14.66 -4.44
CA GLN B 447 34.86 -14.65 -4.05
C GLN B 447 35.25 -14.36 -2.60
N GLY B 448 34.49 -14.87 -1.64
CA GLY B 448 34.79 -14.63 -0.23
C GLY B 448 34.34 -13.30 0.40
N LEU B 449 34.40 -13.23 1.73
CA LEU B 449 34.01 -12.03 2.46
C LEU B 449 35.03 -10.92 2.22
N ALA B 450 36.31 -11.29 2.21
CA ALA B 450 37.37 -10.34 2.00
C ALA B 450 37.10 -9.52 0.75
N ALA B 451 36.33 -10.08 -0.17
CA ALA B 451 36.02 -9.38 -1.40
C ALA B 451 35.08 -8.22 -1.16
N SER B 452 34.01 -8.50 -0.41
CA SER B 452 32.96 -7.53 -0.08
C SER B 452 33.58 -6.35 0.61
N ARG B 453 34.59 -6.64 1.44
CA ARG B 453 35.35 -5.63 2.14
C ARG B 453 35.92 -4.66 1.11
N LYS B 454 36.84 -5.16 0.29
CA LYS B 454 37.44 -4.36 -0.76
C LYS B 454 36.42 -3.37 -1.32
N ILE B 455 35.29 -3.91 -1.78
CA ILE B 455 34.22 -3.10 -2.37
C ILE B 455 33.69 -2.02 -1.44
N PHE B 456 33.13 -2.42 -0.30
CA PHE B 456 32.60 -1.47 0.68
C PHE B 456 33.68 -0.46 1.09
N GLY B 457 34.91 -0.93 1.14
CA GLY B 457 36.00 -0.04 1.49
C GLY B 457 36.06 1.09 0.51
N LYS B 458 35.75 0.85 -0.77
CA LYS B 458 35.80 1.93 -1.76
C LYS B 458 34.51 2.70 -1.84
N CYS B 459 33.44 2.15 -1.29
CA CYS B 459 32.17 2.85 -1.26
C CYS B 459 32.31 3.95 -0.24
N ARG B 460 32.97 3.63 0.87
CA ARG B 460 33.18 4.63 1.92
C ARG B 460 33.96 5.80 1.35
N ARG B 461 34.97 5.46 0.55
CA ARG B 461 35.85 6.41 -0.11
C ARG B 461 35.02 7.44 -0.88
N LEU B 462 33.79 7.06 -1.21
CA LEU B 462 32.89 7.89 -1.97
C LEU B 462 32.07 8.89 -1.14
N LYS B 463 32.01 8.65 0.16
CA LYS B 463 31.30 9.53 1.08
C LYS B 463 29.81 9.68 0.80
N LYS B 464 29.39 10.93 0.61
CA LYS B 464 28.00 11.30 0.34
C LYS B 464 27.59 11.12 -1.13
N LEU B 465 28.51 10.71 -1.99
CA LEU B 465 28.18 10.51 -3.37
C LEU B 465 27.28 9.28 -3.50
N VAL B 466 27.41 8.34 -2.55
CA VAL B 466 26.59 7.11 -2.49
C VAL B 466 25.49 7.24 -1.44
N THR B 467 24.57 6.30 -1.45
CA THR B 467 23.42 6.31 -0.55
C THR B 467 23.57 5.45 0.72
N PRO B 468 22.72 5.67 1.75
CA PRO B 468 22.83 4.88 2.98
C PRO B 468 22.70 3.34 2.85
N ASP B 469 22.00 2.86 1.83
CA ASP B 469 21.80 1.42 1.65
C ASP B 469 23.06 0.59 1.58
N ILE B 470 24.20 1.19 1.34
CA ILE B 470 25.40 0.39 1.23
C ILE B 470 25.84 -0.02 2.61
N TYR B 471 25.74 0.86 3.62
CA TYR B 471 26.14 0.50 4.98
C TYR B 471 25.13 -0.48 5.53
N LEU B 472 23.85 -0.25 5.29
CA LEU B 472 22.86 -1.21 5.74
C LEU B 472 23.13 -2.60 5.14
N GLU B 473 23.20 -2.67 3.81
CA GLU B 473 23.47 -3.92 3.08
C GLU B 473 24.76 -4.61 3.51
N ASN B 474 25.82 -3.83 3.75
CA ASN B 474 27.09 -4.39 4.16
C ASN B 474 26.87 -4.95 5.53
N ALA B 475 26.19 -4.18 6.37
CA ALA B 475 25.92 -4.58 7.72
C ALA B 475 25.24 -5.94 7.82
N TYR B 476 24.19 -6.14 7.04
CA TYR B 476 23.44 -7.40 7.06
C TYR B 476 24.26 -8.60 6.61
N ILE B 477 25.33 -8.37 5.88
CA ILE B 477 26.15 -9.49 5.46
C ILE B 477 27.24 -9.68 6.51
N GLU B 478 27.89 -8.58 6.89
CA GLU B 478 28.96 -8.58 7.90
C GLU B 478 28.44 -9.24 9.16
N TYR B 479 27.13 -9.35 9.22
CA TYR B 479 26.43 -9.96 10.33
C TYR B 479 26.39 -11.46 10.11
N HIS B 480 25.63 -11.86 9.09
CA HIS B 480 25.46 -13.26 8.72
C HIS B 480 26.73 -14.13 8.62
N ILE B 481 27.90 -13.57 8.87
CA ILE B 481 29.11 -14.38 8.84
C ILE B 481 28.81 -15.46 9.85
N SER B 482 28.93 -15.10 11.13
CA SER B 482 28.69 -15.98 12.27
C SER B 482 27.73 -15.32 13.27
N LYS B 483 26.60 -14.85 12.73
CA LYS B 483 25.56 -14.18 13.51
C LYS B 483 26.08 -13.27 14.59
N ASP B 484 27.30 -12.81 14.43
CA ASP B 484 27.93 -11.93 15.39
C ASP B 484 27.66 -10.45 15.07
N THR B 485 27.41 -9.63 16.09
CA THR B 485 27.11 -8.20 15.92
C THR B 485 28.27 -7.22 16.19
N LYS B 486 29.41 -7.71 16.63
CA LYS B 486 30.52 -6.81 16.91
C LYS B 486 30.92 -6.06 15.66
N THR B 487 31.22 -6.79 14.57
CA THR B 487 31.66 -6.20 13.29
C THR B 487 30.51 -5.53 12.56
N ALA B 488 29.46 -6.30 12.32
CA ALA B 488 28.32 -5.78 11.61
C ALA B 488 27.81 -4.48 12.19
N CYS B 489 28.12 -4.23 13.45
CA CYS B 489 27.63 -3.03 14.04
C CYS B 489 28.52 -1.85 13.80
N LYS B 490 29.82 -2.05 13.89
CA LYS B 490 30.75 -0.95 13.68
C LYS B 490 30.57 -0.30 12.33
N VAL B 491 29.91 -0.99 11.41
CA VAL B 491 29.70 -0.46 10.07
C VAL B 491 28.73 0.71 10.05
N LEU B 492 27.52 0.47 10.53
CA LEU B 492 26.49 1.50 10.54
C LEU B 492 26.94 2.74 11.30
N GLU B 493 27.83 2.55 12.26
CA GLU B 493 28.38 3.65 13.07
C GLU B 493 29.11 4.56 12.11
N LEU B 494 29.95 3.97 11.27
CA LEU B 494 30.69 4.72 10.28
C LEU B 494 29.63 5.45 9.52
N GLY B 495 28.67 4.69 8.99
CA GLY B 495 27.60 5.27 8.22
C GLY B 495 27.03 6.52 8.88
N LEU B 496 27.02 6.53 10.20
CA LEU B 496 26.50 7.67 10.93
C LEU B 496 27.24 8.96 10.61
N LYS B 497 28.50 8.82 10.21
CA LYS B 497 29.33 9.96 9.84
C LYS B 497 28.60 10.83 8.84
N TYR B 498 28.14 10.24 7.76
CA TYR B 498 27.47 11.02 6.75
C TYR B 498 25.96 11.02 6.84
N PHE B 499 25.39 10.09 7.59
CA PHE B 499 23.94 10.04 7.62
C PHE B 499 23.27 10.06 8.96
N ALA B 500 23.77 10.90 9.84
CA ALA B 500 23.17 11.00 11.16
C ALA B 500 21.92 11.89 11.10
N THR B 501 21.63 12.43 9.93
CA THR B 501 20.49 13.32 9.76
C THR B 501 19.38 12.71 8.92
N ASP B 502 19.68 11.61 8.25
CA ASP B 502 18.69 10.96 7.41
C ASP B 502 17.85 10.04 8.26
N GLY B 503 16.62 10.46 8.56
CA GLY B 503 15.75 9.64 9.39
C GLY B 503 15.53 8.32 8.73
N GLU B 504 15.48 8.41 7.42
CA GLU B 504 15.29 7.28 6.55
C GLU B 504 16.31 6.20 6.89
N TYR B 505 17.54 6.64 7.11
CA TYR B 505 18.65 5.74 7.46
C TYR B 505 18.48 5.24 8.89
N ILE B 506 18.40 6.18 9.84
CA ILE B 506 18.22 5.88 11.26
C ILE B 506 17.06 4.90 11.44
N ASN B 507 15.99 5.14 10.70
CA ASN B 507 14.85 4.25 10.79
C ASN B 507 15.36 2.85 10.44
N LYS B 508 15.89 2.67 9.23
CA LYS B 508 16.42 1.37 8.79
C LYS B 508 17.53 0.80 9.69
N TYR B 509 18.28 1.68 10.34
CA TYR B 509 19.38 1.31 11.26
C TYR B 509 18.73 0.57 12.41
N LEU B 510 17.80 1.26 13.08
CA LEU B 510 17.05 0.69 14.20
C LEU B 510 16.51 -0.66 13.82
N ASP B 511 15.71 -0.68 12.76
CA ASP B 511 15.10 -1.91 12.29
C ASP B 511 16.14 -3.00 12.44
N PHE B 512 17.38 -2.73 12.04
CA PHE B 512 18.41 -3.74 12.21
C PHE B 512 18.61 -4.04 13.72
N LEU B 513 19.03 -3.04 14.49
CA LEU B 513 19.27 -3.21 15.93
C LEU B 513 18.20 -4.10 16.54
N ILE B 514 16.95 -3.76 16.27
CA ILE B 514 15.81 -4.53 16.76
C ILE B 514 15.90 -5.96 16.23
N TYR B 515 15.99 -6.09 14.91
CA TYR B 515 16.10 -7.40 14.23
C TYR B 515 17.11 -8.27 14.95
N VAL B 516 18.37 -7.86 14.91
CA VAL B 516 19.41 -8.58 15.60
C VAL B 516 19.35 -8.03 17.02
N ASN B 517 18.27 -8.37 17.71
CA ASN B 517 18.01 -7.96 19.08
C ASN B 517 19.21 -7.48 19.91
N GLU B 518 19.40 -6.17 19.97
CA GLU B 518 20.48 -5.58 20.74
C GLU B 518 19.92 -4.39 21.49
N GLU B 519 19.16 -4.71 22.52
CA GLU B 519 18.50 -3.74 23.39
C GLU B 519 19.15 -2.38 23.60
N SER B 520 20.13 -2.29 24.50
CA SER B 520 20.81 -1.02 24.78
C SER B 520 21.06 -0.21 23.52
N GLN B 521 21.70 -0.84 22.54
CA GLN B 521 22.02 -0.23 21.26
C GLN B 521 20.88 0.64 20.73
N VAL B 522 19.66 0.15 20.89
CA VAL B 522 18.50 0.90 20.40
C VAL B 522 18.29 2.17 21.22
N LYS B 523 18.49 2.07 22.53
CA LYS B 523 18.31 3.22 23.42
C LYS B 523 19.29 4.32 23.01
N SER B 524 20.55 3.93 22.90
CA SER B 524 21.63 4.83 22.53
C SER B 524 21.35 5.59 21.24
N LEU B 525 21.06 4.85 20.17
CA LEU B 525 20.79 5.49 18.88
C LEU B 525 19.57 6.37 18.95
N PHE B 526 18.50 5.83 19.55
CA PHE B 526 17.28 6.59 19.68
C PHE B 526 17.57 7.92 20.34
N GLU B 527 18.25 7.84 21.47
CA GLU B 527 18.59 9.02 22.23
C GLU B 527 19.32 10.03 21.33
N SER B 528 20.54 9.67 20.95
CA SER B 528 21.41 10.49 20.11
C SER B 528 20.85 11.20 18.88
N SER B 529 19.70 10.80 18.38
CA SER B 529 19.21 11.45 17.18
C SER B 529 17.80 11.98 17.17
N ILE B 530 17.19 12.21 18.32
CA ILE B 530 15.82 12.70 18.33
C ILE B 530 15.75 14.17 17.93
N ASP B 531 16.90 14.82 18.00
CA ASP B 531 17.05 16.24 17.67
C ASP B 531 17.67 16.37 16.27
N LYS B 532 18.71 15.58 16.05
CA LYS B 532 19.48 15.54 14.80
C LYS B 532 18.73 15.01 13.60
N ILE B 533 17.56 14.42 13.82
CA ILE B 533 16.81 13.89 12.70
C ILE B 533 15.83 14.90 12.15
N SER B 534 16.11 15.35 10.94
CA SER B 534 15.26 16.30 10.25
C SER B 534 13.86 15.73 10.09
N ASP B 535 13.01 16.47 9.41
CA ASP B 535 11.65 16.02 9.18
C ASP B 535 10.93 15.88 10.51
N SER B 536 9.80 15.20 10.46
CA SER B 536 8.96 14.94 11.62
C SER B 536 8.30 13.62 11.27
N HIS B 537 7.55 13.60 10.16
CA HIS B 537 6.86 12.38 9.73
C HIS B 537 7.78 11.18 9.87
N LEU B 538 9.09 11.41 9.85
CA LEU B 538 10.04 10.32 9.95
C LEU B 538 10.46 10.03 11.37
N LEU B 539 10.57 11.10 12.16
CA LEU B 539 10.95 10.96 13.56
C LEU B 539 9.81 10.35 14.35
N LYS B 540 8.58 10.71 13.99
CA LYS B 540 7.40 10.16 14.65
C LYS B 540 7.45 8.65 14.42
N MET B 541 7.56 8.26 13.15
CA MET B 541 7.63 6.85 12.79
C MET B 541 8.73 6.17 13.59
N ILE B 542 9.73 6.95 14.02
CA ILE B 542 10.84 6.41 14.81
C ILE B 542 10.52 6.18 16.28
N PHE B 543 9.72 7.06 16.88
CA PHE B 543 9.32 6.89 18.28
C PHE B 543 8.51 5.62 18.41
N GLN B 544 7.44 5.58 17.63
CA GLN B 544 6.54 4.45 17.60
C GLN B 544 7.31 3.15 17.66
N LYS B 545 8.23 3.00 16.72
CA LYS B 545 9.08 1.83 16.56
C LYS B 545 9.82 1.46 17.87
N VAL B 546 10.49 2.46 18.46
CA VAL B 546 11.24 2.29 19.70
C VAL B 546 10.32 2.06 20.91
N ILE B 547 9.11 2.60 20.83
CA ILE B 547 8.13 2.41 21.88
C ILE B 547 7.61 0.96 21.77
N PHE B 548 7.15 0.57 20.59
CA PHE B 548 6.68 -0.81 20.43
C PHE B 548 7.76 -1.77 20.88
N PHE B 549 9.02 -1.38 20.73
CA PHE B 549 10.14 -2.25 21.10
C PHE B 549 10.26 -2.31 22.62
N GLU B 550 10.18 -1.13 23.24
CA GLU B 550 10.28 -1.07 24.67
C GLU B 550 9.25 -2.01 25.30
N SER B 551 8.02 -1.95 24.79
CA SER B 551 6.94 -2.80 25.29
C SER B 551 7.34 -4.28 25.24
N LYS B 552 7.58 -4.78 24.03
CA LYS B 552 7.96 -6.16 23.84
C LYS B 552 9.11 -6.55 24.81
N VAL B 553 10.07 -5.65 25.05
CA VAL B 553 11.16 -5.99 25.95
C VAL B 553 10.96 -5.46 27.38
N GLY B 554 9.91 -5.99 28.04
CA GLY B 554 9.57 -5.66 29.42
C GLY B 554 9.46 -4.19 29.82
N SER B 555 9.45 -3.93 31.12
CA SER B 555 9.36 -2.58 31.70
C SER B 555 7.96 -1.93 31.82
N LEU B 556 7.32 -1.62 30.69
CA LEU B 556 5.99 -0.97 30.67
C LEU B 556 5.97 0.32 31.50
N ASN B 557 7.01 0.50 32.31
CA ASN B 557 7.17 1.69 33.14
C ASN B 557 8.14 2.55 32.35
N SER B 558 8.86 1.89 31.44
CA SER B 558 9.79 2.58 30.57
C SER B 558 8.91 3.12 29.48
N VAL B 559 8.03 2.25 28.99
CA VAL B 559 7.06 2.61 27.96
C VAL B 559 6.35 3.86 28.43
N ARG B 560 5.77 3.78 29.62
CA ARG B 560 5.04 4.90 30.24
C ARG B 560 5.77 6.24 30.06
N THR B 561 7.10 6.22 30.13
CA THR B 561 7.91 7.43 30.01
C THR B 561 8.10 7.88 28.54
N LEU B 562 8.70 7.00 27.70
CA LEU B 562 8.93 7.31 26.28
C LEU B 562 7.61 7.90 25.81
N GLU B 563 6.55 7.13 26.05
CA GLU B 563 5.22 7.54 25.69
C GLU B 563 4.99 8.99 26.10
N LYS B 564 5.49 9.39 27.27
CA LYS B 564 5.27 10.76 27.69
C LYS B 564 6.02 11.72 26.80
N ARG B 565 7.33 11.48 26.62
CA ARG B 565 8.17 12.35 25.81
C ARG B 565 7.62 12.50 24.40
N PHE B 566 7.08 11.40 23.87
CA PHE B 566 6.49 11.34 22.53
C PHE B 566 5.38 12.38 22.35
N PHE B 567 4.33 12.24 23.12
CA PHE B 567 3.19 13.16 23.05
C PHE B 567 3.51 14.61 23.33
N GLU B 568 4.68 14.87 23.92
CA GLU B 568 5.13 16.24 24.23
C GLU B 568 5.64 16.85 22.93
N LYS B 569 6.64 16.21 22.34
CA LYS B 569 7.24 16.65 21.09
C LYS B 569 6.25 16.49 19.95
N PHE B 570 5.17 15.78 20.22
CA PHE B 570 4.18 15.59 19.19
C PHE B 570 2.81 15.79 19.75
N PRO B 571 2.51 17.01 20.17
CA PRO B 571 1.17 17.24 20.70
C PRO B 571 0.26 16.95 19.51
N GLU B 572 -1.04 16.96 19.72
CA GLU B 572 -1.97 16.70 18.61
C GLU B 572 -2.04 15.22 18.16
N VAL B 573 -1.03 14.42 18.49
CA VAL B 573 -1.06 13.02 18.12
C VAL B 573 -2.19 12.29 18.86
N ASN B 574 -3.01 11.61 18.08
CA ASN B 574 -4.14 10.84 18.55
C ASN B 574 -3.70 9.78 19.56
N LYS B 575 -3.90 10.10 20.84
CA LYS B 575 -3.55 9.22 21.94
C LYS B 575 -4.00 7.78 21.72
N LEU B 576 -5.19 7.61 21.15
CA LEU B 576 -5.71 6.26 20.90
C LEU B 576 -5.16 5.65 19.62
N GLU B 577 -4.84 6.48 18.62
CA GLU B 577 -4.31 5.89 17.41
C GLU B 577 -2.94 5.30 17.67
N GLU B 578 -2.13 6.00 18.46
CA GLU B 578 -0.82 5.49 18.78
C GLU B 578 -0.88 4.39 19.82
N PHE B 579 -2.00 4.27 20.53
CA PHE B 579 -2.15 3.22 21.52
C PHE B 579 -2.29 1.91 20.75
N THR B 580 -3.00 1.93 19.63
CA THR B 580 -3.15 0.68 18.88
C THR B 580 -1.83 0.18 18.30
N ASN B 581 -1.06 1.08 17.71
CA ASN B 581 0.21 0.67 17.13
C ASN B 581 1.06 -0.16 18.08
N LYS B 582 1.14 0.26 19.34
CA LYS B 582 1.92 -0.46 20.35
C LYS B 582 1.44 -1.92 20.46
N TYR B 583 0.16 -2.12 20.14
CA TYR B 583 -0.45 -3.44 20.22
C TYR B 583 -0.67 -4.10 18.86
N LYS B 584 0.35 -4.04 18.03
CA LYS B 584 0.24 -4.72 16.75
C LYS B 584 0.80 -6.11 17.06
N VAL B 585 0.35 -7.10 16.32
CA VAL B 585 0.81 -8.46 16.52
C VAL B 585 1.00 -9.00 15.12
N LEU B 586 2.27 -9.19 14.72
CA LEU B 586 2.63 -9.68 13.38
C LEU B 586 2.49 -8.61 12.32
N ASP B 587 3.00 -7.41 12.61
CA ASP B 587 2.96 -6.27 11.67
C ASP B 587 1.54 -5.78 11.38
N VAL B 588 0.58 -6.33 12.09
CA VAL B 588 -0.79 -5.93 11.85
C VAL B 588 -1.42 -5.31 13.09
N ASN B 589 -2.16 -4.23 12.87
CA ASN B 589 -2.84 -3.57 13.97
C ASN B 589 -4.31 -4.01 13.97
N TYR B 590 -4.61 -5.12 14.64
CA TYR B 590 -5.97 -5.65 14.69
C TYR B 590 -6.95 -4.78 15.50
N LEU B 591 -6.44 -4.07 16.50
CA LEU B 591 -7.26 -3.21 17.33
C LEU B 591 -7.93 -2.22 16.44
N GLN B 592 -7.39 -2.07 15.26
CA GLN B 592 -7.93 -1.10 14.34
C GLN B 592 -8.75 -1.68 13.23
N ARG B 593 -8.37 -2.85 12.76
CA ARG B 593 -9.09 -3.44 11.66
C ARG B 593 -10.37 -4.03 12.16
N LEU B 594 -10.35 -4.52 13.40
CA LEU B 594 -11.52 -5.15 14.01
C LEU B 594 -12.44 -4.24 14.85
N GLU B 595 -11.91 -3.57 15.88
CA GLU B 595 -12.75 -2.68 16.69
C GLU B 595 -12.89 -1.28 16.10
N LEU B 596 -11.83 -0.48 16.14
CA LEU B 596 -11.86 0.92 15.62
C LEU B 596 -11.67 1.05 14.12
N ASP B 597 -12.43 0.29 13.35
CA ASP B 597 -12.28 0.30 11.90
C ASP B 597 -12.86 1.51 11.13
N TYR B 598 -13.01 2.66 11.79
CA TYR B 598 -13.51 3.89 11.15
C TYR B 598 -12.38 4.89 11.17
#